data_7E5B
#
_entry.id   7E5B
#
_cell.length_a   79.481
_cell.length_b   79.481
_cell.length_c   279.197
_cell.angle_alpha   90.000
_cell.angle_beta   90.000
_cell.angle_gamma   90.000
#
_symmetry.space_group_name_H-M   'P 43 21 2'
#
loop_
_entity.id
_entity.type
_entity.pdbx_description
1 polymer 'Repebody (Rb-B7)'
2 polymer 'Apoptosis-associated speck-like protein containing a CARD'
3 non-polymer GLYCEROL
4 water water
#
loop_
_entity_poly.entity_id
_entity_poly.type
_entity_poly.pdbx_seq_one_letter_code
_entity_poly.pdbx_strand_id
1 'polypeptide(L)'
;METITVSTPIKQIFPDDAFAETIKANLKKKSVTDAVTQNELNSIDQIIANNSDIKSVQGIQYLPNVRKLMLPRNKLHDIS
ALKELTNLTYLKLHNNQLQSLPNGVFDKLTNLKELSLLFNQLQSLPDGVFDKLTNLTYLNLAHNQLQSLPDGVFDKLTNL
TYLNLAHNQLQSLPEGVFDKLTQLKDLRLYQNQLKSVPDGVFDRLTSLQYIWLHDNPWDCTCPGIRNLSEWINKHSGVVR
NSAGSVAPDSAKCSGSGKPVRSIICP
;
A,B
2 'polypeptide(L)'
;EMGRARDAILDALENLTAEELKKFKLKLLSVPLREGYGRIPRGALLSMDALDLTDKLVSFYLETYGAELTANVLRDMGLQ
EMAGQLQAATHQ
;
C,D
#
loop_
_chem_comp.id
_chem_comp.type
_chem_comp.name
_chem_comp.formula
GOL non-polymer GLYCEROL 'C3 H8 O3'
#
# COMPACT_ATOMS: atom_id res chain seq x y z
N GLU A 2 6.00 -29.70 -11.97
CA GLU A 2 6.30 -28.48 -12.72
C GLU A 2 5.83 -28.53 -14.19
N THR A 3 5.16 -29.62 -14.59
CA THR A 3 4.65 -29.81 -15.96
C THR A 3 3.15 -30.12 -15.92
N ILE A 4 2.49 -29.89 -17.06
CA ILE A 4 1.09 -30.31 -17.24
C ILE A 4 1.07 -31.44 -18.26
N THR A 5 0.35 -32.51 -17.94
CA THR A 5 0.38 -33.76 -18.70
C THR A 5 -0.86 -33.97 -19.57
N VAL A 6 -1.84 -33.08 -19.49
CA VAL A 6 -2.97 -33.05 -20.42
C VAL A 6 -3.08 -31.62 -20.88
N SER A 7 -3.55 -31.40 -22.11
CA SER A 7 -3.82 -30.03 -22.52
C SER A 7 -4.90 -29.48 -21.62
N THR A 8 -4.69 -28.28 -21.09
CA THR A 8 -5.47 -27.78 -19.98
C THR A 8 -5.97 -26.37 -20.27
N PRO A 9 -7.21 -26.05 -19.90
CA PRO A 9 -7.68 -24.66 -20.05
C PRO A 9 -6.76 -23.69 -19.34
N ILE A 10 -6.53 -22.54 -19.97
CA ILE A 10 -5.67 -21.53 -19.37
C ILE A 10 -6.18 -21.17 -17.98
N LYS A 11 -7.50 -20.95 -17.84
CA LYS A 11 -8.08 -20.51 -16.57
C LYS A 11 -7.81 -21.49 -15.43
N GLN A 12 -7.63 -22.78 -15.75
CA GLN A 12 -7.35 -23.76 -14.70
C GLN A 12 -5.90 -23.64 -14.20
N ILE A 13 -4.94 -23.50 -15.13
CA ILE A 13 -3.53 -23.43 -14.74
C ILE A 13 -3.21 -22.12 -14.02
N PHE A 14 -3.93 -21.04 -14.35
CA PHE A 14 -3.66 -19.71 -13.79
C PHE A 14 -4.93 -19.21 -13.13
N PRO A 15 -5.07 -19.38 -11.81
CA PRO A 15 -6.31 -18.93 -11.13
C PRO A 15 -6.55 -17.44 -11.20
N ASP A 16 -5.50 -16.63 -11.27
CA ASP A 16 -5.67 -15.18 -11.35
C ASP A 16 -6.27 -14.82 -12.70
N ASP A 17 -7.51 -14.31 -12.67
CA ASP A 17 -8.22 -14.00 -13.92
C ASP A 17 -7.42 -13.08 -14.81
N ALA A 18 -6.79 -12.06 -14.23
CA ALA A 18 -5.97 -11.13 -15.00
C ALA A 18 -4.69 -11.77 -15.50
N PHE A 19 -4.06 -12.61 -14.68
CA PHE A 19 -2.85 -13.28 -15.15
C PHE A 19 -3.18 -14.27 -16.26
N ALA A 20 -4.32 -14.97 -16.15
CA ALA A 20 -4.74 -15.87 -17.21
C ALA A 20 -5.01 -15.12 -18.50
N GLU A 21 -5.58 -13.91 -18.41
CA GLU A 21 -5.70 -13.08 -19.60
C GLU A 21 -4.34 -12.81 -20.21
N THR A 22 -3.35 -12.51 -19.36
CA THR A 22 -2.00 -12.23 -19.85
C THR A 22 -1.40 -13.44 -20.54
N ILE A 23 -1.58 -14.63 -19.96
CA ILE A 23 -1.06 -15.85 -20.59
C ILE A 23 -1.72 -16.08 -21.95
N LYS A 24 -3.05 -15.86 -22.03
CA LYS A 24 -3.77 -16.04 -23.29
C LYS A 24 -3.25 -15.10 -24.38
N ALA A 25 -3.02 -13.83 -24.03
CA ALA A 25 -2.48 -12.89 -25.01
C ALA A 25 -1.08 -13.31 -25.46
N ASN A 26 -0.24 -13.73 -24.50
CA ASN A 26 1.11 -14.16 -24.83
C ASN A 26 1.11 -15.30 -25.83
N LEU A 27 0.21 -16.29 -25.63
CA LEU A 27 0.03 -17.42 -26.52
C LEU A 27 -0.90 -17.13 -27.67
N LYS A 28 -1.59 -15.98 -27.66
CA LYS A 28 -2.39 -15.52 -28.80
C LYS A 28 -3.61 -16.42 -29.03
N LYS A 29 -4.13 -17.05 -27.99
CA LYS A 29 -5.33 -17.84 -28.12
C LYS A 29 -6.57 -16.92 -28.07
N LYS A 30 -7.72 -17.47 -28.45
CA LYS A 30 -8.95 -16.68 -28.49
C LYS A 30 -9.50 -16.43 -27.07
N SER A 31 -9.55 -17.46 -26.24
CA SER A 31 -10.24 -17.39 -24.95
C SER A 31 -9.36 -17.99 -23.87
N VAL A 32 -9.64 -17.59 -22.63
CA VAL A 32 -8.99 -18.23 -21.49
C VAL A 32 -9.47 -19.67 -21.29
N THR A 33 -10.64 -20.04 -21.84
CA THR A 33 -11.13 -21.41 -21.75
C THR A 33 -10.40 -22.36 -22.69
N ASP A 34 -9.57 -21.85 -23.60
CA ASP A 34 -8.86 -22.67 -24.57
C ASP A 34 -7.83 -23.57 -23.90
N ALA A 35 -7.61 -24.75 -24.48
CA ALA A 35 -6.73 -25.76 -23.92
C ALA A 35 -5.30 -25.57 -24.43
N VAL A 36 -4.34 -25.61 -23.50
CA VAL A 36 -2.94 -25.34 -23.76
C VAL A 36 -2.11 -26.53 -23.32
N THR A 37 -1.06 -26.84 -24.08
CA THR A 37 -0.15 -27.94 -23.76
C THR A 37 1.12 -27.40 -23.13
N GLN A 38 1.82 -28.29 -22.43
CA GLN A 38 3.11 -27.91 -21.85
C GLN A 38 4.09 -27.46 -22.92
N ASN A 39 4.03 -28.02 -24.13
CA ASN A 39 4.92 -27.54 -25.18
C ASN A 39 4.63 -26.08 -25.52
N GLU A 40 3.33 -25.71 -25.56
CA GLU A 40 3.01 -24.31 -25.84
C GLU A 40 3.46 -23.39 -24.70
N LEU A 41 3.23 -23.80 -23.44
CA LEU A 41 3.72 -23.03 -22.30
C LEU A 41 5.23 -22.84 -22.35
N ASN A 42 5.96 -23.81 -22.91
CA ASN A 42 7.42 -23.73 -22.92
C ASN A 42 7.93 -22.65 -23.87
N SER A 43 7.11 -22.19 -24.83
CA SER A 43 7.52 -21.18 -25.79
C SER A 43 7.59 -19.78 -25.20
N ILE A 44 7.04 -19.55 -24.00
CA ILE A 44 6.98 -18.24 -23.39
C ILE A 44 8.33 -17.93 -22.72
N ASP A 45 9.06 -16.95 -23.24
CA ASP A 45 10.26 -16.55 -22.53
C ASP A 45 10.27 -15.11 -22.08
N GLN A 46 9.26 -14.30 -22.43
CA GLN A 46 9.06 -13.01 -21.79
C GLN A 46 7.59 -12.71 -21.57
N ILE A 47 7.31 -12.04 -20.45
CA ILE A 47 5.97 -11.64 -20.04
C ILE A 47 6.02 -10.15 -19.73
N ILE A 48 5.09 -9.39 -20.30
CA ILE A 48 4.92 -7.99 -19.91
C ILE A 48 3.46 -7.82 -19.55
N ALA A 49 3.21 -7.44 -18.29
CA ALA A 49 1.85 -7.24 -17.81
C ALA A 49 1.88 -6.01 -16.91
N ASN A 50 1.64 -4.85 -17.50
CA ASN A 50 1.66 -3.60 -16.76
C ASN A 50 0.25 -3.29 -16.30
N ASN A 51 0.11 -2.87 -15.05
CA ASN A 51 -1.15 -2.28 -14.59
C ASN A 51 -2.34 -3.18 -14.89
N SER A 52 -2.20 -4.48 -14.59
CA SER A 52 -3.24 -5.43 -14.97
C SER A 52 -4.04 -5.95 -13.78
N ASP A 53 -3.89 -5.33 -12.62
CA ASP A 53 -4.67 -5.72 -11.44
C ASP A 53 -4.48 -7.19 -11.10
N ILE A 54 -3.26 -7.69 -11.31
CA ILE A 54 -2.91 -9.07 -10.95
C ILE A 54 -2.69 -9.16 -9.43
N LYS A 55 -3.27 -10.19 -8.80
CA LYS A 55 -2.99 -10.46 -7.40
C LYS A 55 -1.99 -11.60 -7.19
N SER A 56 -2.00 -12.60 -8.07
CA SER A 56 -1.17 -13.78 -7.91
C SER A 56 -0.64 -14.24 -9.26
N VAL A 57 0.61 -14.71 -9.28
CA VAL A 57 1.16 -15.26 -10.51
C VAL A 57 1.25 -16.77 -10.36
N GLN A 58 0.39 -17.35 -9.51
CA GLN A 58 0.30 -18.80 -9.40
C GLN A 58 0.05 -19.41 -10.78
N GLY A 59 0.77 -20.49 -11.07
CA GLY A 59 0.79 -21.09 -12.39
C GLY A 59 1.99 -20.71 -13.21
N ILE A 60 2.75 -19.69 -12.80
CA ILE A 60 4.00 -19.34 -13.49
C ILE A 60 5.11 -20.34 -13.18
N GLN A 61 4.90 -21.22 -12.20
CA GLN A 61 5.87 -22.30 -11.95
C GLN A 61 6.07 -23.15 -13.18
N TYR A 62 5.08 -23.21 -14.07
CA TYR A 62 5.07 -24.06 -15.25
C TYR A 62 5.73 -23.42 -16.46
N LEU A 63 6.34 -22.23 -16.32
CA LEU A 63 6.86 -21.56 -17.51
C LEU A 63 8.38 -21.54 -17.41
N PRO A 64 9.06 -22.68 -17.63
CA PRO A 64 10.48 -22.80 -17.21
C PRO A 64 11.48 -22.01 -18.06
N ASN A 65 11.06 -21.44 -19.20
CA ASN A 65 11.98 -20.74 -20.07
C ASN A 65 11.90 -19.21 -19.95
N VAL A 66 11.12 -18.67 -19.01
CA VAL A 66 10.96 -17.22 -18.96
C VAL A 66 12.28 -16.58 -18.56
N ARG A 67 12.77 -15.68 -19.40
CA ARG A 67 13.94 -14.89 -19.05
C ARG A 67 13.60 -13.45 -18.66
N LYS A 68 12.53 -12.86 -19.21
CA LYS A 68 12.20 -11.45 -19.01
C LYS A 68 10.82 -11.34 -18.37
N LEU A 69 10.76 -10.90 -17.13
CA LEU A 69 9.52 -10.86 -16.37
C LEU A 69 9.33 -9.45 -15.83
N MET A 70 8.26 -8.80 -16.27
CA MET A 70 8.02 -7.38 -16.05
C MET A 70 6.55 -7.25 -15.68
N LEU A 71 6.29 -7.09 -14.39
CA LEU A 71 4.92 -7.04 -13.89
C LEU A 71 4.65 -5.80 -13.03
N PRO A 72 4.99 -4.60 -13.51
CA PRO A 72 4.83 -3.41 -12.65
C PRO A 72 3.38 -3.03 -12.46
N ARG A 73 3.11 -2.40 -11.30
CA ARG A 73 1.81 -1.81 -10.99
C ARG A 73 0.70 -2.88 -10.99
N ASN A 74 0.98 -3.96 -10.32
CA ASN A 74 -0.03 -4.93 -9.97
C ASN A 74 -0.14 -4.98 -8.45
N LYS A 75 -0.83 -5.99 -7.93
CA LYS A 75 -1.10 -6.09 -6.50
C LYS A 75 -0.43 -7.32 -5.90
N LEU A 76 0.76 -7.65 -6.39
CA LEU A 76 1.48 -8.84 -5.89
C LEU A 76 1.90 -8.66 -4.44
N HIS A 77 1.56 -9.65 -3.61
CA HIS A 77 2.01 -9.73 -2.24
C HIS A 77 3.03 -10.84 -2.03
N ASP A 78 3.18 -11.73 -2.99
CA ASP A 78 4.02 -12.90 -2.81
C ASP A 78 4.64 -13.31 -4.13
N ILE A 79 5.95 -13.56 -4.11
CA ILE A 79 6.63 -13.98 -5.34
C ILE A 79 7.25 -15.36 -5.15
N SER A 80 6.65 -16.17 -4.26
CA SER A 80 7.16 -17.53 -4.04
C SER A 80 7.19 -18.32 -5.33
N ALA A 81 6.20 -18.14 -6.19
CA ALA A 81 6.07 -18.92 -7.42
C ALA A 81 7.20 -18.67 -8.40
N LEU A 82 8.15 -17.77 -8.08
CA LEU A 82 9.28 -17.47 -8.96
C LEU A 82 10.56 -18.17 -8.52
N LYS A 83 10.52 -18.91 -7.40
CA LYS A 83 11.75 -19.48 -6.83
C LYS A 83 12.52 -20.36 -7.82
N GLU A 84 11.83 -21.01 -8.76
CA GLU A 84 12.45 -22.04 -9.60
C GLU A 84 12.54 -21.65 -11.07
N LEU A 85 12.35 -20.37 -11.39
CA LEU A 85 12.48 -19.88 -12.77
C LEU A 85 13.95 -19.48 -13.00
N THR A 86 14.77 -20.52 -13.16
CA THR A 86 16.23 -20.35 -13.19
C THR A 86 16.71 -19.71 -14.47
N ASN A 87 15.83 -19.55 -15.46
CA ASN A 87 16.18 -18.83 -16.68
C ASN A 87 15.93 -17.33 -16.56
N LEU A 88 15.40 -16.87 -15.43
CA LEU A 88 15.13 -15.45 -15.24
C LEU A 88 16.43 -14.67 -15.31
N THR A 89 16.41 -13.61 -16.08
CA THR A 89 17.58 -12.77 -16.23
C THR A 89 17.26 -11.29 -16.03
N TYR A 90 15.99 -10.89 -16.15
CA TYR A 90 15.55 -9.53 -15.87
C TYR A 90 14.23 -9.66 -15.13
N LEU A 91 14.16 -9.09 -13.93
CA LEU A 91 12.99 -9.21 -13.08
C LEU A 91 12.65 -7.83 -12.55
N LYS A 92 11.59 -7.23 -13.06
CA LYS A 92 11.19 -5.88 -12.70
C LYS A 92 9.81 -5.97 -12.04
N LEU A 93 9.76 -5.66 -10.75
CA LEU A 93 8.53 -5.78 -9.96
C LEU A 93 8.17 -4.46 -9.32
N HIS A 94 8.43 -3.36 -10.03
CA HIS A 94 8.21 -2.05 -9.44
C HIS A 94 6.72 -1.78 -9.28
N ASN A 95 6.39 -0.93 -8.33
CA ASN A 95 5.00 -0.56 -8.01
C ASN A 95 4.11 -1.79 -7.75
N ASN A 96 4.60 -2.71 -6.94
CA ASN A 96 3.78 -3.76 -6.36
C ASN A 96 3.66 -3.53 -4.84
N GLN A 97 3.12 -4.50 -4.11
CA GLN A 97 2.94 -4.34 -2.67
C GLN A 97 3.65 -5.43 -1.86
N LEU A 98 4.89 -5.79 -2.23
CA LEU A 98 5.66 -6.78 -1.49
C LEU A 98 6.17 -6.19 -0.18
N GLN A 99 5.92 -6.91 0.92
CA GLN A 99 6.33 -6.52 2.27
C GLN A 99 7.49 -7.34 2.81
N SER A 100 7.75 -8.49 2.19
CA SER A 100 8.83 -9.36 2.63
C SER A 100 9.25 -10.20 1.44
N LEU A 101 10.48 -10.67 1.50
CA LEU A 101 10.97 -11.67 0.58
C LEU A 101 11.11 -12.96 1.37
N PRO A 102 10.41 -14.03 1.00
CA PRO A 102 10.67 -15.32 1.65
C PRO A 102 12.15 -15.65 1.62
N ASN A 103 12.66 -16.17 2.73
CA ASN A 103 14.08 -16.48 2.80
C ASN A 103 14.46 -17.45 1.67
N GLY A 104 15.55 -17.13 0.98
CA GLY A 104 15.99 -17.94 -0.13
C GLY A 104 15.17 -17.80 -1.40
N VAL A 105 14.30 -16.80 -1.50
CA VAL A 105 13.47 -16.67 -2.71
C VAL A 105 14.33 -16.43 -3.96
N PHE A 106 15.53 -15.85 -3.79
CA PHE A 106 16.41 -15.57 -4.92
C PHE A 106 17.58 -16.54 -5.06
N ASP A 107 17.68 -17.57 -4.20
CA ASP A 107 18.89 -18.40 -4.21
C ASP A 107 19.07 -19.18 -5.51
N LYS A 108 17.98 -19.47 -6.24
CA LYS A 108 18.07 -20.26 -7.47
C LYS A 108 18.14 -19.41 -8.74
N LEU A 109 18.00 -18.09 -8.63
CA LEU A 109 17.97 -17.22 -9.82
C LEU A 109 19.37 -16.70 -10.17
N THR A 110 20.27 -17.64 -10.47
CA THR A 110 21.68 -17.31 -10.60
C THR A 110 22.00 -16.61 -11.92
N ASN A 111 21.04 -16.51 -12.84
CA ASN A 111 21.28 -15.80 -14.09
C ASN A 111 20.82 -14.34 -14.06
N LEU A 112 20.29 -13.83 -12.93
CA LEU A 112 19.71 -12.49 -12.94
C LEU A 112 20.75 -11.42 -13.19
N LYS A 113 20.47 -10.57 -14.17
CA LYS A 113 21.27 -9.39 -14.42
C LYS A 113 20.72 -8.20 -13.66
N GLU A 114 19.41 -7.92 -13.79
CA GLU A 114 18.81 -6.71 -13.25
C GLU A 114 17.58 -7.05 -12.41
N LEU A 115 17.50 -6.42 -11.24
CA LEU A 115 16.38 -6.62 -10.33
C LEU A 115 15.88 -5.26 -9.83
N SER A 116 14.58 -5.01 -9.95
CA SER A 116 13.97 -3.77 -9.46
C SER A 116 12.82 -4.08 -8.51
N LEU A 117 12.95 -3.64 -7.27
CA LEU A 117 11.92 -3.75 -6.25
C LEU A 117 11.47 -2.35 -5.85
N LEU A 118 11.63 -1.42 -6.79
CA LEU A 118 11.21 -0.04 -6.61
C LEU A 118 9.72 0.03 -6.29
N PHE A 119 9.37 0.91 -5.37
CA PHE A 119 7.97 1.16 -5.02
C PHE A 119 7.27 -0.15 -4.60
N ASN A 120 7.82 -0.75 -3.56
CA ASN A 120 7.17 -1.84 -2.87
C ASN A 120 7.11 -1.46 -1.39
N GLN A 121 6.84 -2.41 -0.49
CA GLN A 121 6.64 -2.05 0.90
C GLN A 121 7.58 -2.77 1.85
N LEU A 122 8.79 -3.10 1.36
CA LEU A 122 9.74 -3.91 2.13
C LEU A 122 10.21 -3.14 3.36
N GLN A 123 9.96 -3.72 4.53
CA GLN A 123 10.41 -3.12 5.77
C GLN A 123 11.75 -3.66 6.22
N SER A 124 12.15 -4.81 5.70
CA SER A 124 13.43 -5.43 6.03
C SER A 124 13.81 -6.38 4.90
N LEU A 125 15.09 -6.77 4.89
CA LEU A 125 15.64 -7.74 3.94
C LEU A 125 16.15 -8.96 4.70
N PRO A 126 15.89 -10.17 4.21
CA PRO A 126 16.50 -11.36 4.83
C PRO A 126 18.02 -11.34 4.74
N ASP A 127 18.66 -11.91 5.77
CA ASP A 127 20.10 -12.15 5.69
C ASP A 127 20.44 -13.01 4.49
N GLY A 128 21.48 -12.63 3.75
CA GLY A 128 21.94 -13.38 2.59
C GLY A 128 20.96 -13.45 1.44
N VAL A 129 20.00 -12.53 1.37
CA VAL A 129 18.93 -12.62 0.37
C VAL A 129 19.47 -12.49 -1.05
N PHE A 130 20.55 -11.73 -1.25
CA PHE A 130 21.13 -11.53 -2.58
C PHE A 130 22.41 -12.31 -2.81
N ASP A 131 22.79 -13.22 -1.91
CA ASP A 131 24.12 -13.81 -1.96
C ASP A 131 24.36 -14.65 -3.22
N LYS A 132 23.30 -15.21 -3.83
CA LYS A 132 23.49 -16.07 -5.00
C LYS A 132 23.45 -15.34 -6.35
N LEU A 133 23.04 -14.07 -6.39
CA LEU A 133 22.88 -13.35 -7.66
C LEU A 133 24.22 -12.77 -8.12
N THR A 134 25.16 -13.67 -8.45
CA THR A 134 26.53 -13.23 -8.71
C THR A 134 26.65 -12.40 -9.96
N ASN A 135 25.72 -12.52 -10.91
CA ASN A 135 25.75 -11.77 -12.16
C ASN A 135 24.90 -10.49 -12.11
N LEU A 136 24.46 -10.07 -10.93
CA LEU A 136 23.60 -8.89 -10.86
C LEU A 136 24.40 -7.64 -11.18
N THR A 137 23.86 -6.81 -12.09
CA THR A 137 24.43 -5.51 -12.38
C THR A 137 23.55 -4.35 -11.92
N TYR A 138 22.23 -4.52 -11.85
CA TYR A 138 21.25 -3.46 -11.56
C TYR A 138 20.42 -3.88 -10.36
N LEU A 139 20.37 -3.04 -9.32
CA LEU A 139 19.60 -3.34 -8.13
C LEU A 139 18.93 -2.05 -7.66
N ASN A 140 17.62 -1.99 -7.82
CA ASN A 140 16.84 -0.83 -7.43
C ASN A 140 15.95 -1.25 -6.27
N LEU A 141 16.24 -0.71 -5.08
CA LEU A 141 15.42 -0.93 -3.89
C LEU A 141 14.75 0.35 -3.43
N ALA A 142 14.78 1.40 -4.24
CA ALA A 142 14.29 2.71 -3.81
C ALA A 142 12.77 2.67 -3.56
N HIS A 143 12.32 3.61 -2.72
CA HIS A 143 10.91 3.78 -2.36
C HIS A 143 10.33 2.50 -1.74
N ASN A 144 11.02 1.99 -0.72
CA ASN A 144 10.47 0.97 0.17
C ASN A 144 10.43 1.54 1.58
N GLN A 145 10.22 0.67 2.56
CA GLN A 145 10.15 1.10 3.95
C GLN A 145 11.31 0.53 4.78
N LEU A 146 12.50 0.46 4.20
CA LEU A 146 13.58 -0.27 4.86
C LEU A 146 14.09 0.51 6.07
N GLN A 147 14.21 -0.21 7.20
CA GLN A 147 14.68 0.38 8.44
C GLN A 147 16.19 0.17 8.66
N SER A 148 16.77 -0.87 8.08
CA SER A 148 18.20 -1.13 8.19
C SER A 148 18.59 -2.06 7.06
N LEU A 149 19.91 -2.30 6.94
CA LEU A 149 20.47 -3.23 5.96
C LEU A 149 21.23 -4.33 6.71
N PRO A 150 20.90 -5.61 6.51
CA PRO A 150 21.71 -6.67 7.13
C PRO A 150 23.17 -6.60 6.71
N ASP A 151 24.05 -6.94 7.65
CA ASP A 151 25.48 -6.87 7.38
C ASP A 151 25.83 -7.78 6.20
N GLY A 152 26.73 -7.29 5.33
CA GLY A 152 27.22 -8.07 4.21
C GLY A 152 26.21 -8.33 3.12
N VAL A 153 25.05 -7.65 3.16
CA VAL A 153 23.94 -7.96 2.26
C VAL A 153 24.36 -7.85 0.80
N PHE A 154 25.29 -6.94 0.47
CA PHE A 154 25.75 -6.76 -0.90
C PHE A 154 27.10 -7.38 -1.15
N ASP A 155 27.69 -8.09 -0.16
CA ASP A 155 29.09 -8.50 -0.25
C ASP A 155 29.35 -9.38 -1.47
N LYS A 156 28.35 -10.10 -1.97
CA LYS A 156 28.53 -11.04 -3.08
C LYS A 156 28.26 -10.42 -4.46
N LEU A 157 27.84 -9.16 -4.53
CA LEU A 157 27.36 -8.55 -5.79
C LEU A 157 28.48 -7.78 -6.49
N THR A 158 29.52 -8.51 -6.86
CA THR A 158 30.76 -7.87 -7.32
C THR A 158 30.59 -7.15 -8.65
N ASN A 159 29.64 -7.57 -9.49
CA ASN A 159 29.41 -6.94 -10.79
C ASN A 159 28.40 -5.81 -10.76
N LEU A 160 27.87 -5.48 -9.58
CA LEU A 160 26.87 -4.42 -9.45
C LEU A 160 27.42 -3.08 -9.94
N THR A 161 26.70 -2.43 -10.85
CA THR A 161 27.05 -1.08 -11.29
C THR A 161 26.05 -0.02 -10.89
N TYR A 162 24.86 -0.41 -10.44
CA TYR A 162 23.79 0.52 -10.05
C TYR A 162 23.13 -0.02 -8.79
N LEU A 163 23.10 0.80 -7.75
CA LEU A 163 22.47 0.43 -6.49
C LEU A 163 21.72 1.64 -5.98
N ASN A 164 20.39 1.52 -5.89
CA ASN A 164 19.51 2.62 -5.46
C ASN A 164 18.83 2.21 -4.15
N LEU A 165 19.21 2.89 -3.06
CA LEU A 165 18.60 2.72 -1.75
C LEU A 165 17.77 3.94 -1.34
N ALA A 166 17.50 4.86 -2.26
CA ALA A 166 16.83 6.12 -1.96
C ALA A 166 15.37 5.92 -1.49
N HIS A 167 14.84 6.91 -0.77
CA HIS A 167 13.49 6.81 -0.20
C HIS A 167 13.25 5.54 0.59
N ASN A 168 14.03 5.40 1.65
CA ASN A 168 13.75 4.39 2.66
C ASN A 168 13.86 5.07 4.01
N GLN A 169 13.93 4.31 5.09
CA GLN A 169 14.12 4.97 6.36
C GLN A 169 15.37 4.44 7.05
N LEU A 170 16.47 4.38 6.29
CA LEU A 170 17.73 3.90 6.83
C LEU A 170 18.30 4.92 7.81
N GLN A 171 18.58 4.46 9.03
CA GLN A 171 19.17 5.30 10.06
C GLN A 171 20.68 5.11 10.18
N SER A 172 21.21 4.01 9.65
CA SER A 172 22.64 3.75 9.69
C SER A 172 22.99 2.78 8.56
N LEU A 173 24.29 2.71 8.27
CA LEU A 173 24.80 1.72 7.34
C LEU A 173 25.80 0.82 8.06
N PRO A 174 25.82 -0.48 7.78
CA PRO A 174 26.80 -1.38 8.41
C PRO A 174 28.22 -1.03 8.00
N GLU A 175 29.18 -1.30 8.90
CA GLU A 175 30.57 -1.06 8.56
C GLU A 175 30.91 -1.86 7.29
N GLY A 176 31.58 -1.19 6.35
CA GLY A 176 32.05 -1.86 5.15
C GLY A 176 30.98 -2.39 4.21
N VAL A 177 29.76 -1.84 4.30
CA VAL A 177 28.61 -2.36 3.56
C VAL A 177 28.78 -2.27 2.04
N PHE A 178 29.67 -1.39 1.56
CA PHE A 178 29.91 -1.29 0.12
C PHE A 178 31.32 -1.73 -0.28
N ASP A 179 32.09 -2.32 0.64
CA ASP A 179 33.52 -2.52 0.41
C ASP A 179 33.80 -3.50 -0.73
N LYS A 180 32.87 -4.39 -1.08
CA LYS A 180 33.14 -5.30 -2.19
C LYS A 180 32.64 -4.79 -3.54
N LEU A 181 32.01 -3.61 -3.62
CA LEU A 181 31.35 -3.17 -4.85
C LEU A 181 32.26 -2.29 -5.73
N THR A 182 33.44 -2.85 -6.07
CA THR A 182 34.51 -2.14 -6.78
C THR A 182 34.13 -1.73 -8.21
N GLN A 183 33.04 -2.26 -8.75
CA GLN A 183 32.59 -1.90 -10.08
C GLN A 183 31.42 -0.93 -10.06
N LEU A 184 30.94 -0.56 -8.88
CA LEU A 184 29.75 0.27 -8.77
C LEU A 184 30.04 1.64 -9.34
N LYS A 185 29.16 2.09 -10.25
CA LYS A 185 29.23 3.41 -10.88
C LYS A 185 28.24 4.40 -10.29
N ASP A 186 27.16 3.93 -9.66
CA ASP A 186 25.98 4.74 -9.41
C ASP A 186 25.36 4.29 -8.10
N LEU A 187 25.46 5.12 -7.06
CA LEU A 187 24.95 4.80 -5.73
C LEU A 187 24.02 5.91 -5.27
N ARG A 188 22.77 5.57 -4.98
CA ARG A 188 21.75 6.51 -4.55
C ARG A 188 21.35 6.24 -3.10
N LEU A 189 21.58 7.21 -2.23
CA LEU A 189 21.23 7.11 -0.83
C LEU A 189 20.31 8.26 -0.40
N TYR A 190 19.76 9.00 -1.34
CA TYR A 190 19.02 10.21 -1.02
C TYR A 190 17.71 9.88 -0.33
N GLN A 191 17.22 10.82 0.48
CA GLN A 191 15.95 10.65 1.19
C GLN A 191 15.97 9.41 2.09
N ASN A 192 16.88 9.45 3.06
CA ASN A 192 16.87 8.47 4.14
C ASN A 192 17.00 9.21 5.45
N GLN A 193 17.17 8.48 6.55
CA GLN A 193 17.31 9.09 7.86
C GLN A 193 18.74 8.98 8.39
N LEU A 194 19.73 8.99 7.50
CA LEU A 194 21.10 8.84 7.96
C LEU A 194 21.56 10.09 8.70
N LYS A 195 22.05 9.88 9.94
CA LYS A 195 22.77 10.93 10.66
C LYS A 195 24.26 10.92 10.31
N SER A 196 24.81 9.77 9.96
CA SER A 196 26.20 9.67 9.54
C SER A 196 26.39 8.33 8.85
N VAL A 197 27.59 8.13 8.31
CA VAL A 197 28.01 6.87 7.71
C VAL A 197 29.35 6.48 8.30
N PRO A 198 29.68 5.19 8.28
CA PRO A 198 30.97 4.77 8.85
C PRO A 198 32.15 5.32 8.07
N ASP A 199 33.27 5.50 8.80
CA ASP A 199 34.48 6.05 8.22
C ASP A 199 34.88 5.25 6.99
N GLY A 200 35.17 5.96 5.90
CA GLY A 200 35.65 5.31 4.69
C GLY A 200 34.65 4.40 4.01
N VAL A 201 33.34 4.64 4.22
CA VAL A 201 32.33 3.74 3.67
C VAL A 201 32.40 3.68 2.15
N PHE A 202 32.72 4.79 1.49
CA PHE A 202 32.85 4.84 0.04
C PHE A 202 34.28 4.70 -0.42
N ASP A 203 35.22 4.43 0.49
CA ASP A 203 36.63 4.49 0.12
C ASP A 203 37.01 3.48 -0.95
N ARG A 204 36.39 2.30 -0.98
CA ARG A 204 36.80 1.26 -1.92
C ARG A 204 36.00 1.26 -3.23
N LEU A 205 35.13 2.26 -3.45
CA LEU A 205 34.31 2.35 -4.67
C LEU A 205 35.05 3.14 -5.75
N THR A 206 36.13 2.53 -6.27
CA THR A 206 37.00 3.23 -7.21
C THR A 206 36.39 3.42 -8.60
N SER A 207 35.18 2.92 -8.85
CA SER A 207 34.50 3.13 -10.12
C SER A 207 33.32 4.09 -10.00
N LEU A 208 33.03 4.60 -8.79
CA LEU A 208 31.86 5.46 -8.59
C LEU A 208 31.94 6.71 -9.45
N GLN A 209 30.86 6.96 -10.19
CA GLN A 209 30.68 8.12 -11.06
C GLN A 209 29.64 9.09 -10.54
N TYR A 210 28.62 8.60 -9.86
CA TYR A 210 27.52 9.42 -9.37
C TYR A 210 27.10 8.92 -8.00
N ILE A 211 26.91 9.83 -7.06
CA ILE A 211 26.36 9.51 -5.75
C ILE A 211 25.36 10.60 -5.37
N TRP A 212 24.27 10.19 -4.72
CA TRP A 212 23.23 11.08 -4.23
C TRP A 212 23.14 10.96 -2.72
N LEU A 213 23.44 12.05 -2.02
CA LEU A 213 23.51 12.06 -0.55
C LEU A 213 22.51 13.02 0.09
N HIS A 214 21.76 13.78 -0.73
CA HIS A 214 20.90 14.84 -0.22
C HIS A 214 19.68 14.26 0.52
N ASP A 215 19.03 15.15 1.28
CA ASP A 215 17.83 14.82 2.05
C ASP A 215 18.08 13.71 3.07
N ASN A 216 19.17 13.87 3.80
CA ASN A 216 19.54 13.05 4.94
C ASN A 216 19.89 14.01 6.07
N PRO A 217 19.52 13.68 7.32
CA PRO A 217 19.80 14.54 8.48
C PRO A 217 21.23 14.38 8.99
N TRP A 218 22.20 14.76 8.17
CA TRP A 218 23.60 14.69 8.56
C TRP A 218 23.87 15.50 9.82
N ASP A 219 24.56 14.90 10.77
CA ASP A 219 24.88 15.52 12.05
C ASP A 219 26.35 15.93 12.03
N CYS A 220 26.61 17.24 12.07
CA CYS A 220 27.97 17.73 11.90
C CYS A 220 28.90 17.34 13.05
N THR A 221 28.36 16.91 14.19
CA THR A 221 29.21 16.46 15.30
C THR A 221 29.33 14.94 15.38
N CYS A 222 28.39 14.21 14.78
CA CYS A 222 28.34 12.76 14.90
C CYS A 222 29.62 12.15 14.34
N PRO A 223 30.12 11.05 14.95
CA PRO A 223 31.37 10.46 14.46
C PRO A 223 31.28 9.99 13.02
N GLY A 224 32.36 10.22 12.28
CA GLY A 224 32.44 9.83 10.88
C GLY A 224 32.03 10.91 9.89
N ILE A 225 31.42 12.01 10.36
CA ILE A 225 31.05 13.10 9.47
C ILE A 225 32.28 13.83 8.93
N ARG A 226 33.39 13.83 9.69
CA ARG A 226 34.61 14.47 9.19
C ARG A 226 35.18 13.71 8.00
N ASN A 227 35.16 12.37 8.05
CA ASN A 227 35.61 11.60 6.90
C ASN A 227 34.71 11.82 5.70
N LEU A 228 33.39 11.82 5.92
CA LEU A 228 32.44 12.12 4.86
C LEU A 228 32.73 13.48 4.26
N SER A 229 33.02 14.49 5.09
CA SER A 229 33.34 15.82 4.60
C SER A 229 34.63 15.82 3.78
N GLU A 230 35.66 15.11 4.27
CA GLU A 230 36.88 15.00 3.49
C GLU A 230 36.65 14.21 2.20
N TRP A 231 35.85 13.13 2.27
CA TRP A 231 35.55 12.38 1.05
C TRP A 231 34.83 13.27 0.04
N ILE A 232 33.84 14.04 0.48
CA ILE A 232 33.11 14.91 -0.43
C ILE A 232 34.05 15.96 -1.05
N ASN A 233 34.94 16.54 -0.23
CA ASN A 233 35.85 17.57 -0.74
C ASN A 233 36.81 17.00 -1.79
N LYS A 234 37.19 15.72 -1.65
CA LYS A 234 38.10 15.07 -2.60
C LYS A 234 37.37 14.54 -3.83
N HIS A 235 36.07 14.26 -3.72
CA HIS A 235 35.27 13.70 -4.81
C HIS A 235 34.06 14.58 -5.14
N SER A 236 34.26 15.91 -5.20
CA SER A 236 33.13 16.83 -5.27
C SER A 236 32.29 16.61 -6.52
N GLY A 237 32.91 16.25 -7.65
CA GLY A 237 32.19 16.06 -8.90
C GLY A 237 31.30 14.84 -8.93
N VAL A 238 31.55 13.86 -8.06
CA VAL A 238 30.69 12.67 -7.98
C VAL A 238 29.29 13.01 -7.43
N VAL A 239 29.18 14.05 -6.59
CA VAL A 239 27.98 14.26 -5.78
C VAL A 239 26.92 15.02 -6.57
N ARG A 240 25.73 14.43 -6.68
CA ARG A 240 24.68 14.97 -7.54
C ARG A 240 23.48 15.38 -6.71
N ASN A 241 22.74 16.39 -7.19
CA ASN A 241 21.48 16.80 -6.58
C ASN A 241 20.32 16.17 -7.35
N SER A 242 19.09 16.44 -6.88
CA SER A 242 17.92 15.82 -7.50
C SER A 242 17.73 16.23 -8.96
N ALA A 243 18.23 17.40 -9.37
CA ALA A 243 18.13 17.78 -10.77
C ALA A 243 19.14 17.05 -11.63
N GLY A 244 20.08 16.33 -11.04
CA GLY A 244 21.08 15.60 -11.80
C GLY A 244 22.41 16.32 -11.96
N SER A 245 22.55 17.51 -11.41
CA SER A 245 23.77 18.29 -11.58
C SER A 245 24.76 18.03 -10.45
N VAL A 246 26.04 18.19 -10.77
CA VAL A 246 27.07 18.27 -9.75
C VAL A 246 26.64 19.26 -8.68
N ALA A 247 26.61 18.82 -7.42
CA ALA A 247 26.23 19.65 -6.28
C ALA A 247 26.85 19.09 -5.01
N PRO A 248 28.15 19.26 -4.80
CA PRO A 248 28.78 18.70 -3.57
C PRO A 248 28.20 19.30 -2.31
N ASP A 249 27.58 20.49 -2.37
CA ASP A 249 26.91 21.08 -1.22
C ASP A 249 25.52 20.53 -0.98
N SER A 250 24.99 19.67 -1.85
CA SER A 250 23.60 19.21 -1.69
C SER A 250 23.39 18.43 -0.40
N ALA A 251 24.43 17.74 0.12
CA ALA A 251 24.32 17.07 1.42
C ALA A 251 24.42 18.11 2.53
N LYS A 252 23.39 18.20 3.38
CA LYS A 252 23.24 19.34 4.27
C LYS A 252 23.18 18.89 5.72
N CYS A 253 23.95 19.57 6.57
CA CYS A 253 23.85 19.38 8.02
C CYS A 253 22.47 19.80 8.50
N SER A 254 21.77 18.88 9.16
CA SER A 254 20.46 19.20 9.71
C SER A 254 20.57 20.30 10.76
N GLY A 255 19.50 21.06 10.92
CA GLY A 255 19.49 22.08 11.95
C GLY A 255 20.17 23.36 11.50
N SER A 256 21.48 23.30 11.26
CA SER A 256 22.18 24.47 10.72
C SER A 256 21.89 24.66 9.23
N GLY A 257 21.72 23.56 8.48
CA GLY A 257 21.53 23.67 7.05
C GLY A 257 22.80 23.80 6.24
N LYS A 258 23.96 23.85 6.88
CA LYS A 258 25.21 24.11 6.19
C LYS A 258 25.70 22.86 5.45
N PRO A 259 26.40 23.03 4.33
CA PRO A 259 26.92 21.87 3.58
C PRO A 259 27.86 21.02 4.41
N VAL A 260 27.64 19.69 4.37
CA VAL A 260 28.57 18.76 5.01
C VAL A 260 29.97 19.05 4.54
N ARG A 261 30.10 19.51 3.29
CA ARG A 261 31.39 19.87 2.71
C ARG A 261 32.08 20.97 3.52
N SER A 262 31.31 21.87 4.14
CA SER A 262 31.85 23.06 4.79
C SER A 262 32.52 22.76 6.13
N ILE A 263 32.30 21.55 6.66
CA ILE A 263 32.84 21.15 7.97
C ILE A 263 34.35 21.32 8.04
N ILE A 264 35.08 20.77 7.06
CA ILE A 264 36.53 20.99 6.99
C ILE A 264 36.79 22.01 5.88
N CYS A 265 37.87 22.73 6.03
CA CYS A 265 38.42 23.41 4.87
C CYS A 265 39.48 22.51 4.23
N PRO A 266 39.40 22.23 2.91
CA PRO A 266 40.27 21.27 2.19
C PRO A 266 41.53 21.88 1.54
N MET B 1 -0.45 -12.05 31.49
CA MET B 1 0.38 -12.74 30.50
C MET B 1 1.87 -12.41 30.63
N GLU B 2 2.27 -11.23 30.14
CA GLU B 2 3.66 -10.80 30.09
C GLU B 2 3.87 -9.61 31.02
N THR B 3 4.96 -9.65 31.79
CA THR B 3 5.30 -8.56 32.70
C THR B 3 6.80 -8.32 32.72
N ILE B 4 7.19 -7.06 32.99
CA ILE B 4 8.58 -6.71 33.26
C ILE B 4 8.85 -6.94 34.74
N THR B 5 10.03 -7.51 35.04
CA THR B 5 10.37 -7.84 36.42
C THR B 5 10.87 -6.63 37.21
N VAL B 6 11.40 -5.61 36.54
CA VAL B 6 12.02 -4.45 37.18
C VAL B 6 11.62 -3.22 36.39
N SER B 7 12.06 -2.05 36.87
CA SER B 7 11.94 -0.83 36.09
C SER B 7 12.81 -0.93 34.83
N THR B 8 12.20 -0.62 33.68
CA THR B 8 12.82 -0.79 32.39
C THR B 8 12.62 0.48 31.58
N PRO B 9 13.65 0.96 30.88
CA PRO B 9 13.46 2.12 30.00
C PRO B 9 12.42 1.85 28.92
N ILE B 10 11.73 2.93 28.50
CA ILE B 10 10.69 2.81 27.48
C ILE B 10 11.26 2.19 26.22
N LYS B 11 12.39 2.74 25.74
CA LYS B 11 12.93 2.32 24.45
C LYS B 11 13.31 0.83 24.45
N GLN B 12 13.59 0.27 25.62
CA GLN B 12 13.93 -1.14 25.74
C GLN B 12 12.73 -2.05 25.51
N ILE B 13 11.52 -1.57 25.83
CA ILE B 13 10.31 -2.39 25.67
C ILE B 13 9.66 -2.17 24.31
N PHE B 14 9.80 -0.97 23.74
CA PHE B 14 9.10 -0.62 22.50
C PHE B 14 10.14 -0.19 21.46
N PRO B 15 10.62 -1.13 20.63
CA PRO B 15 11.73 -0.80 19.70
C PRO B 15 11.35 0.25 18.67
N ASP B 16 10.12 0.22 18.19
CA ASP B 16 9.67 1.20 17.22
C ASP B 16 9.69 2.59 17.86
N ASP B 17 10.46 3.49 17.25
CA ASP B 17 10.68 4.79 17.85
C ASP B 17 9.36 5.54 18.03
N ALA B 18 8.48 5.48 17.03
CA ALA B 18 7.24 6.24 17.12
C ALA B 18 6.30 5.68 18.18
N PHE B 19 6.19 4.35 18.27
CA PHE B 19 5.38 3.76 19.32
C PHE B 19 5.95 4.06 20.71
N ALA B 20 7.28 4.16 20.83
CA ALA B 20 7.87 4.49 22.13
C ALA B 20 7.48 5.89 22.57
N GLU B 21 7.46 6.85 21.63
CA GLU B 21 7.02 8.20 21.97
C GLU B 21 5.56 8.20 22.36
N THR B 22 4.74 7.37 21.70
CA THR B 22 3.35 7.20 22.10
C THR B 22 3.23 6.76 23.56
N ILE B 23 3.97 5.72 23.94
CA ILE B 23 3.92 5.26 25.33
C ILE B 23 4.50 6.32 26.26
N LYS B 24 5.55 7.03 25.82
CA LYS B 24 6.10 8.12 26.63
C LYS B 24 5.06 9.19 26.91
N ALA B 25 4.36 9.65 25.87
CA ALA B 25 3.33 10.68 26.04
C ALA B 25 2.17 10.16 26.85
N ASN B 26 1.74 8.93 26.57
CA ASN B 26 0.60 8.32 27.27
C ASN B 26 0.82 8.29 28.77
N LEU B 27 2.04 7.95 29.19
CA LEU B 27 2.38 7.81 30.59
C LEU B 27 2.88 9.11 31.21
N LYS B 28 2.92 10.20 30.45
CA LYS B 28 3.32 11.53 30.94
C LYS B 28 4.78 11.56 31.41
N LYS B 29 5.67 10.94 30.64
CA LYS B 29 7.07 10.89 31.01
C LYS B 29 7.86 11.96 30.25
N LYS B 30 8.97 12.40 30.85
CA LYS B 30 9.79 13.44 30.22
C LYS B 30 10.50 12.91 28.98
N SER B 31 10.96 11.66 29.02
CA SER B 31 11.80 11.15 27.94
C SER B 31 11.55 9.65 27.77
N VAL B 32 11.76 9.17 26.53
CA VAL B 32 11.66 7.75 26.24
C VAL B 32 12.75 6.93 26.92
N THR B 33 13.82 7.57 27.40
CA THR B 33 14.81 6.86 28.18
C THR B 33 14.36 6.57 29.61
N ASP B 34 13.23 7.14 30.04
CA ASP B 34 12.76 6.97 31.41
C ASP B 34 12.32 5.53 31.67
N ALA B 35 12.57 5.06 32.89
CA ALA B 35 12.14 3.73 33.29
C ALA B 35 10.68 3.74 33.72
N VAL B 36 10.01 2.61 33.51
CA VAL B 36 8.63 2.44 33.93
C VAL B 36 8.51 1.09 34.59
N THR B 37 7.52 0.99 35.48
CA THR B 37 7.18 -0.20 36.23
C THR B 37 6.02 -0.94 35.54
N GLN B 38 5.84 -2.21 35.91
CA GLN B 38 4.69 -2.94 35.38
C GLN B 38 3.38 -2.29 35.82
N ASN B 39 3.32 -1.79 37.07
CA ASN B 39 2.13 -1.07 37.54
C ASN B 39 1.79 0.09 36.62
N GLU B 40 2.80 0.86 36.21
CA GLU B 40 2.57 1.93 35.25
C GLU B 40 2.05 1.39 33.91
N LEU B 41 2.66 0.30 33.42
CA LEU B 41 2.18 -0.31 32.18
C LEU B 41 0.77 -0.86 32.38
N ASN B 42 0.48 -1.38 33.57
CA ASN B 42 -0.87 -1.86 33.86
C ASN B 42 -1.94 -0.77 33.78
N SER B 43 -1.56 0.50 33.86
CA SER B 43 -2.57 1.55 33.88
C SER B 43 -3.00 2.00 32.50
N ILE B 44 -2.39 1.50 31.42
CA ILE B 44 -2.72 2.02 30.09
C ILE B 44 -4.00 1.35 29.59
N ASP B 45 -5.04 2.15 29.33
CA ASP B 45 -6.35 1.74 28.86
C ASP B 45 -6.56 2.01 27.38
N GLN B 46 -5.97 3.11 26.93
CA GLN B 46 -6.31 3.70 25.66
C GLN B 46 -5.05 4.25 25.01
N ILE B 47 -4.79 3.82 23.80
CA ILE B 47 -3.68 4.29 22.99
C ILE B 47 -4.28 4.79 21.69
N ILE B 48 -4.12 6.09 21.44
CA ILE B 48 -4.49 6.72 20.19
C ILE B 48 -3.21 7.22 19.58
N ALA B 49 -2.90 6.76 18.35
CA ALA B 49 -1.73 7.24 17.62
C ALA B 49 -2.07 7.29 16.12
N ASN B 50 -2.62 8.41 15.68
CA ASN B 50 -2.97 8.60 14.29
C ASN B 50 -1.74 9.10 13.53
N ASN B 51 -1.50 8.50 12.36
CA ASN B 51 -0.60 9.09 11.37
C ASN B 51 0.77 9.36 11.97
N SER B 52 1.36 8.33 12.57
CA SER B 52 2.54 8.53 13.39
C SER B 52 3.74 7.74 12.88
N ASP B 53 3.67 7.26 11.63
CA ASP B 53 4.74 6.48 11.02
C ASP B 53 5.14 5.29 11.90
N ILE B 54 4.16 4.58 12.44
CA ILE B 54 4.43 3.41 13.28
C ILE B 54 4.50 2.16 12.40
N LYS B 55 5.59 1.41 12.53
CA LYS B 55 5.77 0.17 11.78
C LYS B 55 5.49 -1.09 12.59
N SER B 56 5.68 -1.03 13.91
CA SER B 56 5.56 -2.21 14.76
C SER B 56 5.05 -1.78 16.14
N VAL B 57 4.14 -2.57 16.70
CA VAL B 57 3.68 -2.35 18.07
C VAL B 57 4.37 -3.30 19.06
N GLN B 58 5.56 -3.80 18.71
CA GLN B 58 6.24 -4.74 19.58
C GLN B 58 6.43 -4.10 20.97
N GLY B 59 6.12 -4.87 22.02
CA GLY B 59 6.08 -4.37 23.37
C GLY B 59 4.68 -4.15 23.94
N ILE B 60 3.66 -3.98 23.11
CA ILE B 60 2.31 -3.80 23.61
C ILE B 60 1.80 -5.06 24.30
N GLN B 61 2.51 -6.18 24.14
CA GLN B 61 2.20 -7.42 24.85
C GLN B 61 2.25 -7.24 26.37
N TYR B 62 2.92 -6.20 26.85
CA TYR B 62 3.11 -5.94 28.27
C TYR B 62 2.01 -5.09 28.88
N LEU B 63 0.98 -4.70 28.07
CA LEU B 63 -0.11 -3.83 28.49
C LEU B 63 -1.40 -4.64 28.61
N PRO B 64 -1.60 -5.36 29.71
CA PRO B 64 -2.74 -6.29 29.76
C PRO B 64 -4.11 -5.60 29.77
N ASN B 65 -4.18 -4.31 30.08
CA ASN B 65 -5.45 -3.62 30.26
C ASN B 65 -5.83 -2.71 29.10
N VAL B 66 -5.19 -2.82 27.94
CA VAL B 66 -5.60 -1.97 26.82
C VAL B 66 -6.97 -2.41 26.36
N ARG B 67 -7.87 -1.45 26.19
CA ARG B 67 -9.25 -1.69 25.81
C ARG B 67 -9.60 -0.99 24.52
N LYS B 68 -9.13 0.25 24.36
CA LYS B 68 -9.29 1.05 23.15
C LYS B 68 -7.92 1.21 22.51
N LEU B 69 -7.78 0.71 21.28
CA LEU B 69 -6.53 0.79 20.54
C LEU B 69 -6.87 1.32 19.15
N MET B 70 -6.44 2.55 18.87
CA MET B 70 -6.68 3.23 17.60
C MET B 70 -5.34 3.63 16.99
N LEU B 71 -4.95 2.99 15.90
CA LEU B 71 -3.67 3.27 15.23
C LEU B 71 -3.87 3.46 13.73
N PRO B 72 -4.73 4.39 13.32
CA PRO B 72 -4.94 4.62 11.88
C PRO B 72 -3.76 5.33 11.21
N ARG B 73 -3.63 5.11 9.91
CA ARG B 73 -2.63 5.77 9.07
C ARG B 73 -1.21 5.61 9.63
N ASN B 74 -0.84 4.36 9.87
CA ASN B 74 0.51 3.94 10.17
C ASN B 74 0.95 2.95 9.09
N LYS B 75 2.06 2.27 9.34
CA LYS B 75 2.66 1.33 8.41
C LYS B 75 2.69 -0.06 9.00
N LEU B 76 1.60 -0.44 9.67
CA LEU B 76 1.52 -1.74 10.35
C LEU B 76 1.36 -2.85 9.33
N HIS B 77 2.28 -3.83 9.36
CA HIS B 77 2.14 -5.02 8.54
C HIS B 77 1.81 -6.26 9.35
N ASP B 78 1.99 -6.21 10.67
CA ASP B 78 1.85 -7.39 11.51
C ASP B 78 1.15 -7.01 12.81
N ILE B 79 0.11 -7.75 13.17
CA ILE B 79 -0.59 -7.44 14.42
C ILE B 79 -0.51 -8.63 15.38
N SER B 80 0.55 -9.43 15.25
CA SER B 80 0.71 -10.61 16.11
C SER B 80 0.72 -10.25 17.59
N ALA B 81 1.34 -9.12 17.95
CA ALA B 81 1.53 -8.77 19.34
C ALA B 81 0.22 -8.43 20.07
N LEU B 82 -0.90 -8.28 19.35
CA LEU B 82 -2.18 -8.03 20.01
C LEU B 82 -2.88 -9.31 20.46
N LYS B 83 -2.36 -10.47 20.07
CA LYS B 83 -3.05 -11.75 20.25
C LYS B 83 -3.52 -11.98 21.68
N GLU B 84 -2.76 -11.52 22.68
CA GLU B 84 -3.07 -11.81 24.09
C GLU B 84 -3.63 -10.60 24.85
N LEU B 85 -3.98 -9.52 24.15
CA LEU B 85 -4.63 -8.38 24.80
C LEU B 85 -6.13 -8.67 24.96
N THR B 86 -6.44 -9.53 25.93
CA THR B 86 -7.79 -10.08 26.06
C THR B 86 -8.81 -9.04 26.50
N ASN B 87 -8.39 -7.85 26.94
CA ASN B 87 -9.33 -6.79 27.29
C ASN B 87 -9.59 -5.85 26.14
N LEU B 88 -8.97 -6.06 24.97
CA LEU B 88 -9.25 -5.21 23.82
C LEU B 88 -10.75 -5.22 23.51
N THR B 89 -11.30 -4.03 23.36
CA THR B 89 -12.73 -3.88 23.15
C THR B 89 -13.04 -3.11 21.87
N TYR B 90 -12.23 -2.09 21.59
CA TYR B 90 -12.33 -1.29 20.37
C TYR B 90 -10.95 -1.27 19.74
N LEU B 91 -10.86 -1.77 18.50
CA LEU B 91 -9.61 -1.92 17.79
C LEU B 91 -9.82 -1.32 16.41
N LYS B 92 -9.20 -0.17 16.15
CA LYS B 92 -9.37 0.58 14.90
C LYS B 92 -8.01 0.64 14.23
N LEU B 93 -7.84 -0.14 13.15
CA LEU B 93 -6.58 -0.25 12.43
C LEU B 93 -6.73 0.20 10.98
N HIS B 94 -7.57 1.20 10.73
CA HIS B 94 -7.83 1.59 9.34
C HIS B 94 -6.65 2.35 8.74
N ASN B 95 -6.54 2.27 7.42
CA ASN B 95 -5.44 2.91 6.67
C ASN B 95 -4.10 2.40 7.16
N ASN B 96 -3.93 1.08 7.14
CA ASN B 96 -2.64 0.46 7.37
C ASN B 96 -2.34 -0.45 6.18
N GLN B 97 -1.30 -1.27 6.29
CA GLN B 97 -0.98 -2.12 5.16
C GLN B 97 -1.07 -3.59 5.50
N LEU B 98 -2.15 -3.98 6.19
CA LEU B 98 -2.35 -5.37 6.57
C LEU B 98 -2.72 -6.20 5.35
N GLN B 99 -1.90 -7.21 5.04
CA GLN B 99 -2.15 -8.11 3.92
C GLN B 99 -2.68 -9.47 4.37
N SER B 100 -2.56 -9.80 5.65
CA SER B 100 -2.99 -11.11 6.10
C SER B 100 -3.26 -11.05 7.60
N LEU B 101 -4.06 -11.98 8.04
CA LEU B 101 -4.31 -12.16 9.45
C LEU B 101 -3.81 -13.55 9.81
N PRO B 102 -2.80 -13.69 10.67
CA PRO B 102 -2.40 -15.03 11.12
C PRO B 102 -3.60 -15.82 11.60
N ASN B 103 -3.56 -17.14 11.42
CA ASN B 103 -4.63 -17.95 11.96
C ASN B 103 -4.68 -17.79 13.48
N GLY B 104 -5.90 -17.67 13.99
CA GLY B 104 -6.15 -17.53 15.40
C GLY B 104 -5.81 -16.19 16.00
N VAL B 105 -5.41 -15.20 15.18
CA VAL B 105 -4.92 -13.93 15.70
C VAL B 105 -5.96 -13.24 16.57
N PHE B 106 -7.25 -13.45 16.30
CA PHE B 106 -8.31 -12.88 17.12
C PHE B 106 -8.93 -13.90 18.07
N ASP B 107 -8.36 -15.10 18.20
CA ASP B 107 -9.05 -16.17 18.91
C ASP B 107 -9.22 -15.89 20.40
N LYS B 108 -8.41 -15.00 20.98
CA LYS B 108 -8.52 -14.74 22.41
C LYS B 108 -9.13 -13.39 22.73
N LEU B 109 -9.51 -12.63 21.71
CA LEU B 109 -10.04 -11.28 21.88
C LEU B 109 -11.57 -11.33 22.04
N THR B 110 -11.99 -12.09 23.04
CA THR B 110 -13.41 -12.42 23.23
C THR B 110 -14.24 -11.21 23.63
N ASN B 111 -13.61 -10.14 24.12
CA ASN B 111 -14.35 -8.95 24.49
C ASN B 111 -14.47 -7.92 23.38
N LEU B 112 -13.90 -8.14 22.18
CA LEU B 112 -14.05 -7.14 21.12
C LEU B 112 -15.49 -6.84 20.78
N LYS B 113 -15.78 -5.55 20.70
CA LYS B 113 -17.05 -5.00 20.30
C LYS B 113 -17.01 -4.34 18.93
N GLU B 114 -15.92 -3.65 18.60
CA GLU B 114 -15.77 -2.99 17.31
C GLU B 114 -14.39 -3.25 16.72
N LEU B 115 -14.36 -3.54 15.43
CA LEU B 115 -13.12 -3.83 14.70
C LEU B 115 -13.17 -3.11 13.36
N SER B 116 -12.19 -2.24 13.08
CA SER B 116 -12.13 -1.62 11.76
C SER B 116 -10.83 -2.01 11.09
N LEU B 117 -10.96 -2.66 9.93
CA LEU B 117 -9.88 -3.00 9.01
C LEU B 117 -10.00 -2.22 7.70
N LEU B 118 -10.72 -1.10 7.73
CA LEU B 118 -10.94 -0.26 6.56
C LEU B 118 -9.62 0.21 5.94
N PHE B 119 -9.54 0.14 4.61
CA PHE B 119 -8.35 0.63 3.88
C PHE B 119 -7.09 -0.11 4.31
N ASN B 120 -7.11 -1.43 4.16
CA ASN B 120 -5.95 -2.28 4.28
C ASN B 120 -5.80 -3.03 2.95
N GLN B 121 -4.96 -4.07 2.93
CA GLN B 121 -4.66 -4.79 1.70
C GLN B 121 -4.96 -6.27 1.83
N LEU B 122 -6.05 -6.62 2.51
CA LEU B 122 -6.39 -8.02 2.70
C LEU B 122 -6.95 -8.62 1.41
N GLN B 123 -6.36 -9.72 0.96
CA GLN B 123 -6.89 -10.39 -0.22
C GLN B 123 -7.74 -11.60 0.11
N SER B 124 -7.62 -12.13 1.32
CA SER B 124 -8.42 -13.25 1.79
C SER B 124 -8.43 -13.20 3.31
N LEU B 125 -9.35 -13.95 3.92
CA LEU B 125 -9.54 -14.10 5.35
C LEU B 125 -9.35 -15.56 5.75
N PRO B 126 -8.69 -15.84 6.86
CA PRO B 126 -8.53 -17.23 7.31
C PRO B 126 -9.88 -17.84 7.66
N ASP B 127 -10.01 -19.14 7.43
CA ASP B 127 -11.22 -19.81 7.88
C ASP B 127 -11.42 -19.57 9.37
N GLY B 128 -12.65 -19.24 9.77
CA GLY B 128 -12.95 -19.05 11.18
C GLY B 128 -12.26 -17.88 11.87
N VAL B 129 -11.73 -16.90 11.13
CA VAL B 129 -10.97 -15.80 11.72
C VAL B 129 -11.77 -15.02 12.76
N PHE B 130 -13.09 -14.93 12.62
CA PHE B 130 -13.88 -14.12 13.54
C PHE B 130 -14.66 -14.95 14.55
N ASP B 131 -14.41 -16.25 14.64
CA ASP B 131 -15.34 -17.13 15.37
C ASP B 131 -15.38 -16.86 16.88
N LYS B 132 -14.33 -16.28 17.47
CA LYS B 132 -14.38 -16.07 18.91
C LYS B 132 -14.94 -14.70 19.28
N LEU B 133 -15.28 -13.86 18.30
CA LEU B 133 -15.69 -12.49 18.55
C LEU B 133 -17.21 -12.41 18.66
N THR B 134 -17.76 -13.15 19.63
CA THR B 134 -19.20 -13.27 19.80
C THR B 134 -19.87 -12.01 20.35
N ASN B 135 -19.09 -11.05 20.84
CA ASN B 135 -19.64 -9.77 21.25
C ASN B 135 -19.50 -8.69 20.16
N LEU B 136 -18.93 -9.02 19.00
CA LEU B 136 -18.69 -8.00 17.99
C LEU B 136 -20.01 -7.41 17.50
N THR B 137 -20.11 -6.07 17.50
CA THR B 137 -21.25 -5.40 16.90
C THR B 137 -20.93 -4.59 15.66
N TYR B 138 -19.66 -4.20 15.46
CA TYR B 138 -19.25 -3.40 14.31
C TYR B 138 -18.08 -4.10 13.62
N LEU B 139 -18.16 -4.25 12.30
CA LEU B 139 -17.08 -4.86 11.53
C LEU B 139 -17.00 -4.14 10.18
N ASN B 140 -15.89 -3.45 9.96
CA ASN B 140 -15.64 -2.71 8.73
C ASN B 140 -14.50 -3.41 7.98
N LEU B 141 -14.83 -4.02 6.84
CA LEU B 141 -13.81 -4.65 6.01
C LEU B 141 -13.76 -3.97 4.63
N ALA B 142 -14.26 -2.74 4.54
CA ALA B 142 -14.32 -2.00 3.29
C ALA B 142 -12.94 -1.52 2.84
N HIS B 143 -12.79 -1.36 1.52
CA HIS B 143 -11.56 -0.87 0.91
C HIS B 143 -10.38 -1.78 1.25
N ASN B 144 -10.55 -3.05 0.91
CA ASN B 144 -9.49 -4.04 0.91
C ASN B 144 -9.47 -4.67 -0.49
N GLN B 145 -8.84 -5.84 -0.64
CA GLN B 145 -8.74 -6.51 -1.94
C GLN B 145 -9.35 -7.89 -1.90
N LEU B 146 -10.35 -8.09 -1.02
CA LEU B 146 -10.95 -9.40 -0.82
C LEU B 146 -11.53 -9.94 -2.12
N GLN B 147 -11.15 -11.17 -2.46
CA GLN B 147 -11.62 -11.88 -3.65
C GLN B 147 -12.80 -12.80 -3.36
N SER B 148 -12.92 -13.28 -2.12
CA SER B 148 -14.01 -14.16 -1.73
C SER B 148 -14.10 -14.17 -0.22
N LEU B 149 -15.08 -14.88 0.31
CA LEU B 149 -15.24 -15.00 1.74
C LEU B 149 -15.32 -16.47 2.12
N PRO B 150 -14.60 -16.91 3.14
CA PRO B 150 -14.76 -18.28 3.62
C PRO B 150 -16.21 -18.54 4.01
N ASP B 151 -16.71 -19.72 3.69
CA ASP B 151 -18.06 -20.09 4.11
C ASP B 151 -18.24 -19.92 5.61
N GLY B 152 -19.40 -19.42 6.02
CA GLY B 152 -19.76 -19.29 7.43
C GLY B 152 -18.91 -18.33 8.25
N VAL B 153 -18.17 -17.43 7.60
CA VAL B 153 -17.18 -16.62 8.30
C VAL B 153 -17.83 -15.67 9.31
N PHE B 154 -19.09 -15.27 9.09
CA PHE B 154 -19.79 -14.42 10.06
C PHE B 154 -20.75 -15.19 10.96
N ASP B 155 -20.75 -16.52 10.92
CA ASP B 155 -21.81 -17.30 11.59
C ASP B 155 -21.83 -17.11 13.11
N LYS B 156 -20.70 -16.85 13.75
CA LYS B 156 -20.72 -16.65 15.20
C LYS B 156 -21.03 -15.20 15.62
N LEU B 157 -21.07 -14.25 14.69
CA LEU B 157 -21.22 -12.83 15.00
C LEU B 157 -22.69 -12.43 15.18
N THR B 158 -23.38 -13.15 16.06
CA THR B 158 -24.84 -13.01 16.17
C THR B 158 -25.28 -11.65 16.69
N ASN B 159 -24.42 -10.89 17.35
CA ASN B 159 -24.79 -9.56 17.80
C ASN B 159 -24.43 -8.46 16.80
N LEU B 160 -23.88 -8.81 15.64
CA LEU B 160 -23.40 -7.80 14.70
C LEU B 160 -24.54 -6.92 14.19
N THR B 161 -24.35 -5.60 14.27
CA THR B 161 -25.31 -4.65 13.72
C THR B 161 -24.80 -3.88 12.51
N TYR B 162 -23.50 -3.94 12.20
CA TYR B 162 -22.93 -3.20 11.07
C TYR B 162 -21.89 -4.08 10.39
N LEU B 163 -22.07 -4.34 9.09
CA LEU B 163 -21.13 -5.14 8.31
C LEU B 163 -20.83 -4.39 7.01
N ASN B 164 -19.58 -3.92 6.86
CA ASN B 164 -19.21 -3.15 5.67
C ASN B 164 -18.16 -3.94 4.88
N LEU B 165 -18.58 -4.44 3.71
CA LEU B 165 -17.75 -5.22 2.80
C LEU B 165 -17.51 -4.48 1.50
N ALA B 166 -17.84 -3.20 1.45
CA ALA B 166 -17.83 -2.47 0.19
C ALA B 166 -16.40 -2.23 -0.30
N HIS B 167 -16.31 -1.96 -1.60
CA HIS B 167 -15.08 -1.58 -2.26
C HIS B 167 -14.01 -2.66 -2.06
N ASN B 168 -14.41 -3.89 -2.39
CA ASN B 168 -13.56 -5.08 -2.49
C ASN B 168 -13.74 -5.65 -3.91
N GLN B 169 -13.29 -6.87 -4.13
CA GLN B 169 -13.47 -7.49 -5.44
C GLN B 169 -14.23 -8.81 -5.32
N LEU B 170 -15.19 -8.84 -4.39
CA LEU B 170 -16.02 -10.02 -4.20
C LEU B 170 -16.80 -10.33 -5.47
N GLN B 171 -16.77 -11.62 -5.89
CA GLN B 171 -17.46 -12.05 -7.09
C GLN B 171 -18.67 -12.94 -6.80
N SER B 172 -18.76 -13.48 -5.60
CA SER B 172 -19.90 -14.27 -5.16
C SER B 172 -19.97 -14.16 -3.64
N LEU B 173 -21.10 -14.58 -3.09
CA LEU B 173 -21.27 -14.69 -1.65
C LEU B 173 -21.58 -16.15 -1.31
N PRO B 174 -20.95 -16.72 -0.30
CA PRO B 174 -21.26 -18.12 0.05
C PRO B 174 -22.72 -18.29 0.42
N GLU B 175 -23.28 -19.45 0.07
CA GLU B 175 -24.64 -19.76 0.48
C GLU B 175 -24.73 -19.67 2.00
N GLY B 176 -25.76 -18.99 2.49
CA GLY B 176 -26.00 -18.83 3.91
C GLY B 176 -25.13 -17.81 4.62
N VAL B 177 -24.43 -16.94 3.91
CA VAL B 177 -23.37 -16.15 4.57
C VAL B 177 -23.93 -15.18 5.61
N PHE B 178 -25.17 -14.72 5.45
CA PHE B 178 -25.75 -13.74 6.37
C PHE B 178 -26.83 -14.32 7.26
N ASP B 179 -27.02 -15.64 7.25
CA ASP B 179 -28.22 -16.22 7.86
C ASP B 179 -28.28 -16.00 9.36
N LYS B 180 -27.13 -15.95 10.03
CA LYS B 180 -27.15 -15.84 11.48
C LYS B 180 -27.17 -14.40 11.99
N LEU B 181 -27.07 -13.41 11.10
CA LEU B 181 -26.96 -12.01 11.53
C LEU B 181 -28.34 -11.39 11.68
N THR B 182 -29.09 -11.90 12.68
CA THR B 182 -30.45 -11.40 12.92
C THR B 182 -30.48 -10.01 13.54
N GLN B 183 -29.37 -9.54 14.12
CA GLN B 183 -29.33 -8.19 14.65
C GLN B 183 -28.85 -7.17 13.63
N LEU B 184 -28.48 -7.60 12.41
CA LEU B 184 -27.81 -6.73 11.47
C LEU B 184 -28.73 -5.59 11.05
N LYS B 185 -28.27 -4.36 11.23
CA LYS B 185 -29.00 -3.17 10.81
C LYS B 185 -28.51 -2.60 9.48
N ASP B 186 -27.24 -2.85 9.14
CA ASP B 186 -26.53 -2.09 8.12
C ASP B 186 -25.59 -3.03 7.38
N LEU B 187 -25.77 -3.18 6.07
CA LEU B 187 -24.99 -4.11 5.27
C LEU B 187 -24.61 -3.44 3.96
N ARG B 188 -23.31 -3.34 3.70
CA ARG B 188 -22.77 -2.59 2.57
C ARG B 188 -21.99 -3.50 1.65
N LEU B 189 -22.48 -3.67 0.42
CA LEU B 189 -21.81 -4.50 -0.58
C LEU B 189 -21.49 -3.71 -1.83
N TYR B 190 -21.60 -2.38 -1.77
CA TYR B 190 -21.40 -1.57 -2.96
C TYR B 190 -19.94 -1.63 -3.43
N GLN B 191 -19.73 -1.48 -4.74
CA GLN B 191 -18.40 -1.46 -5.36
C GLN B 191 -17.70 -2.81 -5.16
N ASN B 192 -18.33 -3.86 -5.70
CA ASN B 192 -17.77 -5.20 -5.75
C ASN B 192 -18.02 -5.78 -7.14
N GLN B 193 -17.60 -7.03 -7.37
CA GLN B 193 -17.81 -7.71 -8.65
C GLN B 193 -18.97 -8.70 -8.60
N LEU B 194 -19.95 -8.48 -7.76
CA LEU B 194 -21.03 -9.45 -7.63
C LEU B 194 -21.90 -9.42 -8.87
N LYS B 195 -22.12 -10.59 -9.47
CA LYS B 195 -23.06 -10.74 -10.56
C LYS B 195 -24.40 -11.29 -10.07
N SER B 196 -24.41 -12.05 -8.99
CA SER B 196 -25.66 -12.40 -8.33
C SER B 196 -25.37 -12.82 -6.90
N VAL B 197 -26.43 -13.25 -6.22
CA VAL B 197 -26.37 -13.66 -4.81
C VAL B 197 -27.30 -14.84 -4.60
N PRO B 198 -26.96 -15.72 -3.66
CA PRO B 198 -27.78 -16.91 -3.42
C PRO B 198 -29.23 -16.56 -3.09
N ASP B 199 -30.16 -17.37 -3.59
CA ASP B 199 -31.57 -17.18 -3.28
C ASP B 199 -31.77 -16.99 -1.77
N GLY B 200 -32.49 -15.94 -1.41
CA GLY B 200 -32.88 -15.72 -0.03
C GLY B 200 -31.76 -15.25 0.87
N VAL B 201 -30.60 -14.89 0.31
CA VAL B 201 -29.42 -14.48 1.07
C VAL B 201 -29.75 -13.47 2.17
N PHE B 202 -30.72 -12.57 1.94
CA PHE B 202 -31.12 -11.54 2.89
C PHE B 202 -32.39 -11.89 3.67
N ASP B 203 -32.98 -13.06 3.46
CA ASP B 203 -34.29 -13.35 4.04
C ASP B 203 -34.25 -13.39 5.57
N ARG B 204 -33.14 -13.79 6.19
CA ARG B 204 -33.12 -13.86 7.66
C ARG B 204 -32.75 -12.53 8.33
N LEU B 205 -32.51 -11.47 7.56
CA LEU B 205 -32.00 -10.22 8.11
C LEU B 205 -33.16 -9.33 8.60
N THR B 206 -33.85 -9.81 9.64
CA THR B 206 -35.11 -9.19 10.06
C THR B 206 -34.93 -7.84 10.76
N SER B 207 -33.70 -7.44 11.08
CA SER B 207 -33.44 -6.13 11.67
C SER B 207 -32.96 -5.09 10.65
N LEU B 208 -32.78 -5.47 9.38
CA LEU B 208 -32.08 -4.64 8.42
C LEU B 208 -32.76 -3.28 8.21
N GLN B 209 -31.96 -2.22 8.28
CA GLN B 209 -32.44 -0.88 7.97
C GLN B 209 -31.81 -0.28 6.73
N TYR B 210 -30.55 -0.61 6.42
CA TYR B 210 -29.87 -0.06 5.26
C TYR B 210 -29.03 -1.14 4.58
N ILE B 211 -29.14 -1.20 3.26
CA ILE B 211 -28.32 -2.09 2.44
C ILE B 211 -27.87 -1.30 1.21
N TRP B 212 -26.61 -1.47 0.82
CA TRP B 212 -26.03 -0.80 -0.33
C TRP B 212 -25.67 -1.86 -1.36
N LEU B 213 -26.30 -1.80 -2.52
CA LEU B 213 -26.07 -2.82 -3.55
C LEU B 213 -25.53 -2.23 -4.84
N HIS B 214 -25.35 -0.91 -4.89
CA HIS B 214 -25.02 -0.21 -6.13
C HIS B 214 -23.57 -0.49 -6.54
N ASP B 215 -23.28 -0.28 -7.83
CA ASP B 215 -21.95 -0.50 -8.40
C ASP B 215 -21.48 -1.96 -8.26
N ASN B 216 -22.35 -2.87 -8.64
CA ASN B 216 -22.01 -4.26 -8.90
C ASN B 216 -22.53 -4.58 -10.30
N PRO B 217 -21.89 -5.50 -11.02
CA PRO B 217 -22.36 -5.87 -12.37
C PRO B 217 -23.42 -6.97 -12.35
N TRP B 218 -24.62 -6.63 -11.88
CA TRP B 218 -25.65 -7.65 -11.74
C TRP B 218 -26.01 -8.24 -13.09
N ASP B 219 -26.32 -9.52 -13.11
CA ASP B 219 -26.62 -10.22 -14.35
C ASP B 219 -28.11 -10.49 -14.42
N CYS B 220 -28.71 -10.16 -15.56
CA CYS B 220 -30.15 -10.20 -15.74
C CYS B 220 -30.74 -11.62 -15.75
N THR B 221 -29.99 -12.63 -16.20
CA THR B 221 -30.55 -13.99 -16.23
C THR B 221 -29.81 -14.98 -15.35
N CYS B 222 -28.66 -14.59 -14.80
CA CYS B 222 -27.85 -15.43 -13.93
C CYS B 222 -28.70 -15.93 -12.76
N PRO B 223 -28.45 -17.16 -12.30
CA PRO B 223 -29.32 -17.74 -11.27
C PRO B 223 -29.34 -16.90 -9.99
N GLY B 224 -30.54 -16.73 -9.44
CA GLY B 224 -30.74 -15.97 -8.23
C GLY B 224 -31.13 -14.52 -8.43
N ILE B 225 -31.20 -14.05 -9.68
CA ILE B 225 -31.52 -12.64 -9.87
C ILE B 225 -33.03 -12.38 -9.76
N ARG B 226 -33.88 -13.34 -10.12
CA ARG B 226 -35.30 -13.19 -9.86
C ARG B 226 -35.55 -12.98 -8.36
N ASN B 227 -34.88 -13.78 -7.53
CA ASN B 227 -35.09 -13.65 -6.08
C ASN B 227 -34.59 -12.28 -5.57
N LEU B 228 -33.45 -11.82 -6.09
CA LEU B 228 -32.93 -10.52 -5.68
C LEU B 228 -33.90 -9.40 -6.07
N SER B 229 -34.45 -9.48 -7.30
CA SER B 229 -35.43 -8.49 -7.74
C SER B 229 -36.67 -8.51 -6.85
N GLU B 230 -37.20 -9.71 -6.56
CA GLU B 230 -38.33 -9.83 -5.64
C GLU B 230 -38.01 -9.18 -4.30
N TRP B 231 -36.81 -9.46 -3.75
CA TRP B 231 -36.47 -8.95 -2.43
C TRP B 231 -36.40 -7.43 -2.44
N ILE B 232 -35.83 -6.85 -3.49
CA ILE B 232 -35.77 -5.40 -3.59
C ILE B 232 -37.18 -4.81 -3.61
N ASN B 233 -38.07 -5.44 -4.37
CA ASN B 233 -39.43 -4.91 -4.50
C ASN B 233 -40.21 -5.07 -3.20
N LYS B 234 -39.85 -6.04 -2.37
CA LYS B 234 -40.51 -6.20 -1.08
C LYS B 234 -39.88 -5.31 -0.01
N HIS B 235 -38.65 -4.87 -0.19
CA HIS B 235 -37.90 -4.12 0.82
C HIS B 235 -37.28 -2.88 0.20
N SER B 236 -38.06 -2.15 -0.59
CA SER B 236 -37.51 -1.07 -1.40
C SER B 236 -36.95 0.05 -0.54
N GLY B 237 -37.55 0.32 0.62
CA GLY B 237 -37.13 1.42 1.45
C GLY B 237 -35.80 1.21 2.15
N VAL B 238 -35.28 -0.02 2.13
CA VAL B 238 -34.01 -0.35 2.77
C VAL B 238 -32.81 -0.11 1.84
N VAL B 239 -33.02 -0.19 0.53
CA VAL B 239 -31.95 0.00 -0.45
C VAL B 239 -31.57 1.47 -0.57
N ARG B 240 -30.29 1.78 -0.40
CA ARG B 240 -29.79 3.14 -0.40
C ARG B 240 -28.75 3.35 -1.51
N ASN B 241 -28.73 4.55 -2.09
CA ASN B 241 -27.73 4.91 -3.08
C ASN B 241 -26.52 5.52 -2.39
N SER B 242 -25.55 5.98 -3.19
CA SER B 242 -24.28 6.44 -2.62
C SER B 242 -24.42 7.71 -1.80
N ALA B 243 -25.49 8.49 -2.02
CA ALA B 243 -25.79 9.65 -1.20
C ALA B 243 -26.52 9.29 0.09
N GLY B 244 -26.81 8.00 0.32
CA GLY B 244 -27.50 7.58 1.52
C GLY B 244 -29.01 7.64 1.46
N SER B 245 -29.60 8.05 0.34
CA SER B 245 -31.04 8.14 0.20
C SER B 245 -31.67 6.82 -0.28
N VAL B 246 -32.96 6.68 0.00
CA VAL B 246 -33.71 5.53 -0.51
C VAL B 246 -33.67 5.56 -2.02
N ALA B 247 -33.30 4.43 -2.64
CA ALA B 247 -33.15 4.30 -4.09
C ALA B 247 -33.13 2.83 -4.51
N PRO B 248 -34.29 2.17 -4.54
CA PRO B 248 -34.34 0.77 -4.96
C PRO B 248 -33.79 0.52 -6.36
N ASP B 249 -33.82 1.52 -7.23
CA ASP B 249 -33.33 1.36 -8.60
C ASP B 249 -31.81 1.46 -8.71
N SER B 250 -31.09 1.72 -7.61
CA SER B 250 -29.65 1.92 -7.72
C SER B 250 -28.89 0.63 -7.98
N ALA B 251 -29.49 -0.53 -7.72
CA ALA B 251 -28.94 -1.81 -8.16
C ALA B 251 -29.30 -2.01 -9.63
N LYS B 252 -28.29 -1.99 -10.51
CA LYS B 252 -28.46 -1.94 -11.96
C LYS B 252 -27.74 -3.09 -12.65
N CYS B 253 -28.44 -3.69 -13.62
CA CYS B 253 -27.84 -4.70 -14.48
C CYS B 253 -26.70 -4.11 -15.30
N SER B 254 -25.63 -4.87 -15.46
CA SER B 254 -24.55 -4.43 -16.34
C SER B 254 -24.97 -4.59 -17.80
N GLY B 255 -24.42 -3.74 -18.65
CA GLY B 255 -24.83 -3.74 -20.05
C GLY B 255 -26.09 -2.94 -20.32
N SER B 256 -27.25 -3.46 -19.92
CA SER B 256 -28.49 -2.73 -20.16
C SER B 256 -28.56 -1.45 -19.32
N GLY B 257 -28.11 -1.50 -18.06
CA GLY B 257 -28.27 -0.40 -17.14
C GLY B 257 -29.61 -0.36 -16.47
N LYS B 258 -30.49 -1.32 -16.76
CA LYS B 258 -31.84 -1.37 -16.21
C LYS B 258 -31.78 -1.77 -14.73
N PRO B 259 -32.69 -1.24 -13.91
CA PRO B 259 -32.71 -1.61 -12.48
C PRO B 259 -33.01 -3.09 -12.31
N VAL B 260 -32.32 -3.72 -11.34
CA VAL B 260 -32.62 -5.09 -10.97
C VAL B 260 -34.07 -5.20 -10.54
N ARG B 261 -34.57 -4.15 -9.86
CA ARG B 261 -35.97 -4.04 -9.48
C ARG B 261 -36.94 -4.31 -10.65
N SER B 262 -36.56 -3.91 -11.87
CA SER B 262 -37.47 -3.97 -13.00
C SER B 262 -37.57 -5.35 -13.65
N ILE B 263 -36.89 -6.35 -13.10
CA ILE B 263 -36.86 -7.67 -13.73
C ILE B 263 -38.19 -8.41 -13.54
N ILE B 264 -38.84 -8.23 -12.40
CA ILE B 264 -40.17 -8.76 -12.15
C ILE B 264 -41.09 -7.59 -11.85
N CYS B 265 -42.26 -7.56 -12.49
CA CYS B 265 -43.28 -6.55 -12.18
C CYS B 265 -44.23 -7.09 -11.12
N PRO B 266 -44.38 -6.43 -9.95
CA PRO B 266 -45.22 -6.84 -8.82
C PRO B 266 -46.68 -6.39 -8.95
N GLU C 1 -0.06 19.08 0.14
CA GLU C 1 -0.80 19.43 1.34
C GLU C 1 -2.31 19.19 1.18
N MET C 2 -2.87 19.55 0.03
CA MET C 2 -4.30 19.36 -0.21
C MET C 2 -4.67 17.88 -0.21
N GLY C 3 -5.61 17.52 0.66
CA GLY C 3 -5.98 16.15 0.92
C GLY C 3 -5.61 15.67 2.32
N ARG C 4 -4.67 16.36 3.00
CA ARG C 4 -4.28 15.94 4.34
C ARG C 4 -5.44 16.09 5.33
N ALA C 5 -6.28 17.11 5.14
CA ALA C 5 -7.40 17.32 6.05
C ALA C 5 -8.51 16.28 5.85
N ARG C 6 -8.79 15.90 4.61
CA ARG C 6 -9.78 14.85 4.39
C ARG C 6 -9.34 13.54 5.03
N ASP C 7 -8.05 13.19 4.90
CA ASP C 7 -7.52 12.00 5.56
C ASP C 7 -7.72 12.06 7.07
N ALA C 8 -7.38 13.19 7.66
CA ALA C 8 -7.46 13.31 9.12
C ALA C 8 -8.90 13.23 9.61
N ILE C 9 -9.87 13.78 8.84
CA ILE C 9 -11.27 13.67 9.23
C ILE C 9 -11.71 12.21 9.23
N LEU C 10 -11.39 11.46 8.16
CA LEU C 10 -11.77 10.04 8.14
C LEU C 10 -11.14 9.30 9.31
N ASP C 11 -9.85 9.56 9.57
CA ASP C 11 -9.14 8.86 10.65
C ASP C 11 -9.76 9.16 12.00
N ALA C 12 -10.18 10.43 12.21
CA ALA C 12 -10.80 10.80 13.48
C ALA C 12 -12.18 10.16 13.64
N LEU C 13 -13.02 10.25 12.61
CA LEU C 13 -14.40 9.75 12.70
C LEU C 13 -14.45 8.22 12.79
N GLU C 14 -13.57 7.52 12.08
CA GLU C 14 -13.57 6.06 12.20
C GLU C 14 -12.96 5.60 13.52
N ASN C 15 -12.22 6.47 14.22
CA ASN C 15 -11.81 6.17 15.59
C ASN C 15 -13.00 6.14 16.56
N LEU C 16 -14.13 6.79 16.23
CA LEU C 16 -15.27 6.88 17.14
C LEU C 16 -16.00 5.54 17.25
N THR C 17 -16.45 5.20 18.46
CA THR C 17 -17.42 4.14 18.62
C THR C 17 -18.71 4.52 17.92
N ALA C 18 -19.58 3.53 17.74
CA ALA C 18 -20.84 3.80 17.04
C ALA C 18 -21.68 4.82 17.82
N GLU C 19 -21.67 4.72 19.15
CA GLU C 19 -22.38 5.67 20.00
C GLU C 19 -21.77 7.06 19.89
N GLU C 20 -20.45 7.15 19.88
CA GLU C 20 -19.80 8.44 19.70
C GLU C 20 -20.08 9.03 18.33
N LEU C 21 -20.09 8.19 17.28
CA LEU C 21 -20.47 8.67 15.96
C LEU C 21 -21.88 9.24 15.98
N LYS C 22 -22.83 8.52 16.61
CA LYS C 22 -24.19 9.03 16.75
C LYS C 22 -24.20 10.36 17.50
N LYS C 23 -23.46 10.47 18.59
CA LYS C 23 -23.45 11.76 19.30
C LYS C 23 -22.79 12.85 18.46
N PHE C 24 -21.72 12.52 17.73
CA PHE C 24 -21.11 13.50 16.85
C PHE C 24 -22.15 14.05 15.84
N LYS C 25 -22.91 13.15 15.21
CA LYS C 25 -23.84 13.57 14.17
C LYS C 25 -24.96 14.42 14.75
N LEU C 26 -25.42 14.08 15.96
CA LEU C 26 -26.43 14.90 16.63
C LEU C 26 -25.91 16.30 16.91
N LYS C 27 -24.64 16.41 17.35
CA LYS C 27 -24.04 17.72 17.56
C LYS C 27 -24.08 18.59 16.32
N LEU C 28 -24.01 17.98 15.12
CA LEU C 28 -23.98 18.75 13.88
C LEU C 28 -25.29 19.48 13.64
N LEU C 29 -26.41 19.00 14.20
CA LEU C 29 -27.68 19.74 14.04
C LEU C 29 -27.68 21.05 14.82
N SER C 30 -26.77 21.22 15.79
CA SER C 30 -26.78 22.39 16.65
C SER C 30 -25.46 23.13 16.76
N VAL C 31 -24.35 22.58 16.24
CA VAL C 31 -23.08 23.30 16.37
C VAL C 31 -23.17 24.61 15.58
N PRO C 32 -22.62 25.70 16.07
CA PRO C 32 -22.65 26.96 15.31
C PRO C 32 -21.82 26.87 14.03
N LEU C 33 -22.23 27.64 13.03
CA LEU C 33 -21.65 27.59 11.70
C LEU C 33 -21.37 29.00 11.18
N ARG C 34 -20.33 29.11 10.36
CA ARG C 34 -20.00 30.38 9.75
C ARG C 34 -21.08 30.78 8.73
N GLU C 35 -21.21 32.09 8.53
CA GLU C 35 -22.25 32.62 7.65
C GLU C 35 -22.17 31.97 6.27
N GLY C 36 -23.36 31.66 5.73
CA GLY C 36 -23.52 31.10 4.40
C GLY C 36 -23.47 29.59 4.32
N TYR C 37 -22.85 28.91 5.28
CA TYR C 37 -22.70 27.47 5.20
C TYR C 37 -24.00 26.75 5.57
N GLY C 38 -24.27 25.63 4.88
CA GLY C 38 -25.48 24.89 5.16
C GLY C 38 -25.38 24.03 6.41
N ARG C 39 -26.53 23.57 6.86
CA ARG C 39 -26.62 22.59 7.94
C ARG C 39 -27.05 21.25 7.36
N ILE C 40 -26.37 20.18 7.76
CA ILE C 40 -26.72 18.87 7.23
C ILE C 40 -28.07 18.47 7.81
N PRO C 41 -29.01 18.01 6.99
CA PRO C 41 -30.33 17.65 7.53
C PRO C 41 -30.25 16.40 8.39
N ARG C 42 -31.14 16.34 9.37
CA ARG C 42 -31.20 15.19 10.28
C ARG C 42 -31.46 13.89 9.54
N GLY C 43 -32.36 13.92 8.54
CA GLY C 43 -32.66 12.70 7.80
C GLY C 43 -31.47 12.18 7.02
N ALA C 44 -30.65 13.10 6.51
CA ALA C 44 -29.46 12.69 5.77
C ALA C 44 -28.46 11.99 6.68
N LEU C 45 -28.39 12.37 7.96
CA LEU C 45 -27.34 11.85 8.84
C LEU C 45 -27.60 10.40 9.27
N LEU C 46 -28.86 9.97 9.28
CA LEU C 46 -29.23 8.70 9.89
C LEU C 46 -28.42 7.53 9.34
N SER C 47 -28.21 7.50 8.02
CA SER C 47 -27.60 6.35 7.35
C SER C 47 -26.08 6.43 7.30
N MET C 48 -25.47 7.47 7.87
CA MET C 48 -24.07 7.74 7.60
C MET C 48 -23.16 7.04 8.60
N ASP C 49 -22.19 6.30 8.06
CA ASP C 49 -21.01 5.89 8.79
C ASP C 49 -19.89 6.92 8.61
N ALA C 50 -18.72 6.63 9.19
CA ALA C 50 -17.62 7.57 9.20
C ALA C 50 -17.17 7.95 7.79
N LEU C 51 -17.09 6.97 6.89
CA LEU C 51 -16.80 7.25 5.49
C LEU C 51 -17.81 8.22 4.89
N ASP C 52 -19.11 7.93 5.05
CA ASP C 52 -20.13 8.78 4.45
C ASP C 52 -20.06 10.18 5.04
N LEU C 53 -19.90 10.27 6.37
CA LEU C 53 -19.87 11.56 7.02
C LEU C 53 -18.66 12.37 6.59
N THR C 54 -17.53 11.71 6.33
CA THR C 54 -16.36 12.45 5.84
C THR C 54 -16.68 13.16 4.52
N ASP C 55 -17.22 12.44 3.53
CA ASP C 55 -17.55 13.07 2.25
C ASP C 55 -18.55 14.20 2.44
N LYS C 56 -19.59 13.96 3.24
CA LYS C 56 -20.62 14.96 3.47
C LYS C 56 -20.02 16.24 4.05
N LEU C 57 -19.11 16.10 5.03
CA LEU C 57 -18.49 17.28 5.63
C LEU C 57 -17.66 18.05 4.62
N VAL C 58 -16.98 17.34 3.72
CA VAL C 58 -16.15 18.02 2.72
C VAL C 58 -17.00 18.61 1.60
N SER C 59 -18.21 18.09 1.36
CA SER C 59 -19.09 18.77 0.42
C SER C 59 -19.67 20.04 1.01
N PHE C 60 -20.08 20.00 2.29
CA PHE C 60 -20.73 21.16 2.87
C PHE C 60 -19.72 22.26 3.17
N TYR C 61 -18.68 21.92 3.90
CA TYR C 61 -17.61 22.82 4.29
C TYR C 61 -16.42 22.35 3.47
N LEU C 62 -15.35 23.12 3.40
CA LEU C 62 -14.31 22.47 2.61
C LEU C 62 -13.49 21.56 3.54
N GLU C 63 -12.46 20.91 2.99
CA GLU C 63 -11.67 20.03 3.86
C GLU C 63 -11.06 20.83 5.02
N THR C 64 -10.77 22.11 4.83
CA THR C 64 -10.12 22.92 5.85
C THR C 64 -11.10 23.33 6.95
N TYR C 65 -12.17 24.01 6.58
CA TYR C 65 -13.18 24.35 7.57
C TYR C 65 -13.84 23.09 8.12
N GLY C 66 -14.00 22.05 7.29
CA GLY C 66 -14.53 20.81 7.79
C GLY C 66 -13.70 20.23 8.91
N ALA C 67 -12.38 20.25 8.78
CA ALA C 67 -11.54 19.74 9.86
C ALA C 67 -11.62 20.64 11.09
N GLU C 68 -11.68 21.95 10.90
CA GLU C 68 -11.86 22.85 12.03
C GLU C 68 -13.19 22.58 12.74
N LEU C 69 -14.26 22.34 11.97
CA LEU C 69 -15.57 22.07 12.58
C LEU C 69 -15.57 20.74 13.31
N THR C 70 -14.94 19.72 12.70
CA THR C 70 -14.86 18.42 13.33
C THR C 70 -14.11 18.49 14.65
N ALA C 71 -12.99 19.24 14.69
CA ALA C 71 -12.25 19.39 15.94
C ALA C 71 -13.08 20.08 17.02
N ASN C 72 -13.84 21.13 16.64
CA ASN C 72 -14.74 21.81 17.56
C ASN C 72 -15.74 20.84 18.16
N VAL C 73 -16.38 20.03 17.32
CA VAL C 73 -17.36 19.08 17.82
C VAL C 73 -16.69 18.08 18.77
N LEU C 74 -15.53 17.55 18.37
CA LEU C 74 -14.83 16.58 19.22
C LEU C 74 -14.41 17.21 20.55
N ARG C 75 -13.89 18.45 20.52
CA ARG C 75 -13.57 19.13 21.77
C ARG C 75 -14.83 19.36 22.59
N ASP C 76 -15.93 19.74 21.93
CA ASP C 76 -17.20 19.88 22.64
C ASP C 76 -17.71 18.54 23.18
N MET C 77 -17.27 17.42 22.61
CA MET C 77 -17.66 16.14 23.17
C MET C 77 -16.77 15.71 24.35
N GLY C 78 -15.78 16.51 24.72
CA GLY C 78 -14.84 16.07 25.72
C GLY C 78 -13.77 15.12 25.22
N LEU C 79 -13.67 14.94 23.89
CA LEU C 79 -12.65 14.08 23.31
C LEU C 79 -11.44 14.94 22.89
N GLN C 80 -10.72 15.43 23.91
CA GLN C 80 -9.65 16.41 23.70
C GLN C 80 -8.45 15.80 22.98
N GLU C 81 -8.06 14.57 23.33
CA GLU C 81 -6.93 13.96 22.65
C GLU C 81 -7.22 13.82 21.17
N MET C 82 -8.44 13.41 20.84
CA MET C 82 -8.81 13.24 19.43
C MET C 82 -8.78 14.57 18.68
N ALA C 83 -9.32 15.63 19.29
CA ALA C 83 -9.34 16.92 18.59
C ALA C 83 -7.93 17.48 18.39
N GLY C 84 -7.06 17.32 19.39
CA GLY C 84 -5.68 17.74 19.23
C GLY C 84 -4.98 17.00 18.11
N GLN C 85 -5.16 15.68 18.05
CA GLN C 85 -4.52 14.91 16.97
C GLN C 85 -5.08 15.30 15.60
N LEU C 86 -6.37 15.62 15.51
CA LEU C 86 -6.90 16.09 14.24
C LEU C 86 -6.38 17.50 13.92
N GLN C 87 -6.38 18.41 14.89
CA GLN C 87 -5.87 19.76 14.64
C GLN C 87 -4.40 19.72 14.22
N ALA C 88 -3.63 18.77 14.77
CA ALA C 88 -2.23 18.62 14.42
C ALA C 88 -2.05 18.21 12.96
N ALA C 89 -2.80 17.21 12.50
CA ALA C 89 -2.58 16.64 11.17
C ALA C 89 -2.88 17.65 10.06
N THR C 90 -3.81 18.57 10.28
CA THR C 90 -4.15 19.52 9.24
C THR C 90 -3.14 20.65 9.13
N HIS C 91 -2.29 20.85 10.13
CA HIS C 91 -1.22 21.85 10.09
C HIS C 91 0.16 21.19 10.03
N MET D 2 -5.13 11.79 -15.26
CA MET D 2 -5.45 12.22 -13.90
C MET D 2 -4.29 11.95 -12.94
N GLY D 3 -3.07 11.86 -13.50
CA GLY D 3 -1.92 11.25 -12.84
C GLY D 3 -1.57 9.88 -13.40
N ARG D 4 -2.46 9.28 -14.18
CA ARG D 4 -2.24 7.93 -14.71
C ARG D 4 -1.09 7.91 -15.71
N ALA D 5 -0.92 8.98 -16.49
CA ALA D 5 0.08 8.92 -17.54
C ALA D 5 1.50 9.05 -17.00
N ARG D 6 1.72 9.84 -15.94
CA ARG D 6 3.04 9.84 -15.31
C ARG D 6 3.38 8.45 -14.75
N ASP D 7 2.40 7.75 -14.18
CA ASP D 7 2.64 6.40 -13.69
C ASP D 7 3.01 5.47 -14.83
N ALA D 8 2.31 5.59 -15.96
CA ALA D 8 2.60 4.73 -17.10
C ALA D 8 4.00 4.97 -17.66
N ILE D 9 4.44 6.25 -17.67
CA ILE D 9 5.80 6.54 -18.12
C ILE D 9 6.82 5.85 -17.22
N LEU D 10 6.65 5.97 -15.90
CA LEU D 10 7.58 5.31 -14.99
C LEU D 10 7.55 3.79 -15.19
N ASP D 11 6.36 3.20 -15.26
CA ASP D 11 6.26 1.74 -15.41
C ASP D 11 7.00 1.27 -16.66
N ALA D 12 6.85 2.01 -17.77
CA ALA D 12 7.53 1.65 -19.01
C ALA D 12 9.04 1.77 -18.89
N LEU D 13 9.54 2.85 -18.28
CA LEU D 13 10.98 3.14 -18.33
C LEU D 13 11.78 2.25 -17.38
N GLU D 14 11.24 1.96 -16.19
CA GLU D 14 11.89 0.99 -15.31
C GLU D 14 11.83 -0.45 -15.87
N ASN D 15 10.89 -0.76 -16.79
CA ASN D 15 10.87 -2.05 -17.47
C ASN D 15 12.08 -2.24 -18.40
N LEU D 16 12.78 -1.17 -18.75
CA LEU D 16 13.86 -1.26 -19.73
C LEU D 16 15.18 -1.71 -19.09
N THR D 17 15.96 -2.46 -19.84
CA THR D 17 17.32 -2.75 -19.44
C THR D 17 18.14 -1.46 -19.42
N ALA D 18 19.28 -1.51 -18.72
CA ALA D 18 20.14 -0.34 -18.70
C ALA D 18 20.59 0.03 -20.11
N GLU D 19 20.84 -0.99 -20.94
CA GLU D 19 21.19 -0.72 -22.34
C GLU D 19 20.05 -0.02 -23.07
N GLU D 20 18.83 -0.52 -22.90
CA GLU D 20 17.70 0.08 -23.60
C GLU D 20 17.38 1.50 -23.09
N LEU D 21 17.59 1.76 -21.81
CA LEU D 21 17.44 3.13 -21.31
C LEU D 21 18.50 4.03 -21.91
N LYS D 22 19.73 3.54 -22.05
CA LYS D 22 20.78 4.34 -22.68
C LYS D 22 20.42 4.66 -24.13
N LYS D 23 19.87 3.68 -24.88
CA LYS D 23 19.47 4.00 -26.25
C LYS D 23 18.23 4.89 -26.28
N PHE D 24 17.30 4.70 -25.35
CA PHE D 24 16.12 5.56 -25.29
C PHE D 24 16.53 7.02 -25.10
N LYS D 25 17.44 7.26 -24.16
CA LYS D 25 17.87 8.62 -23.85
C LYS D 25 18.60 9.25 -25.03
N LEU D 26 19.41 8.47 -25.74
CA LEU D 26 20.02 8.97 -26.97
C LEU D 26 18.96 9.32 -28.01
N LYS D 27 17.92 8.48 -28.14
CA LYS D 27 16.88 8.75 -29.12
C LYS D 27 16.12 10.05 -28.79
N LEU D 28 16.06 10.43 -27.51
CA LEU D 28 15.40 11.66 -27.09
C LEU D 28 16.06 12.91 -27.71
N LEU D 29 17.34 12.82 -28.08
CA LEU D 29 18.05 13.98 -28.62
C LEU D 29 17.53 14.36 -30.01
N SER D 30 17.04 13.40 -30.77
CA SER D 30 16.68 13.64 -32.16
C SER D 30 15.20 13.40 -32.45
N VAL D 31 14.41 12.98 -31.48
CA VAL D 31 13.03 12.60 -31.79
C VAL D 31 12.24 13.86 -32.12
N PRO D 32 11.40 13.84 -33.15
CA PRO D 32 10.76 15.09 -33.58
C PRO D 32 9.83 15.63 -32.52
N LEU D 33 9.92 16.94 -32.27
CA LEU D 33 9.15 17.60 -31.22
C LEU D 33 8.16 18.58 -31.83
N ARG D 34 7.03 18.77 -31.14
CA ARG D 34 6.09 19.78 -31.58
C ARG D 34 6.66 21.18 -31.38
N GLU D 35 6.03 22.16 -32.02
CA GLU D 35 6.57 23.51 -32.00
C GLU D 35 6.58 24.07 -30.58
N GLY D 36 7.69 24.70 -30.20
CA GLY D 36 7.79 25.42 -28.96
C GLY D 36 8.30 24.61 -27.77
N TYR D 37 8.38 23.30 -27.89
CA TYR D 37 8.81 22.43 -26.79
C TYR D 37 10.33 22.28 -26.77
N GLY D 38 10.90 22.27 -25.56
CA GLY D 38 12.34 22.19 -25.43
C GLY D 38 12.88 20.79 -25.72
N ARG D 39 14.17 20.74 -25.97
CA ARG D 39 14.90 19.49 -26.13
C ARG D 39 15.81 19.31 -24.92
N ILE D 40 15.82 18.10 -24.37
CA ILE D 40 16.68 17.82 -23.19
C ILE D 40 18.13 17.78 -23.63
N PRO D 41 19.04 18.48 -22.96
CA PRO D 41 20.45 18.45 -23.38
C PRO D 41 21.08 17.09 -23.15
N ARG D 42 22.09 16.79 -23.97
CA ARG D 42 22.75 15.48 -23.88
C ARG D 42 23.34 15.26 -22.51
N GLY D 43 23.96 16.29 -21.94
CA GLY D 43 24.60 16.14 -20.65
C GLY D 43 23.62 15.86 -19.54
N ALA D 44 22.44 16.49 -19.60
CA ALA D 44 21.45 16.27 -18.54
C ALA D 44 21.01 14.81 -18.49
N LEU D 45 21.00 14.11 -19.62
CA LEU D 45 20.51 12.74 -19.60
C LEU D 45 21.50 11.76 -18.97
N LEU D 46 22.79 12.11 -18.87
CA LEU D 46 23.81 11.12 -18.59
C LEU D 46 23.60 10.42 -17.25
N SER D 47 23.16 11.15 -16.23
CA SER D 47 23.10 10.65 -14.86
C SER D 47 21.73 10.07 -14.51
N MET D 48 20.81 9.95 -15.47
CA MET D 48 19.40 9.74 -15.17
C MET D 48 19.00 8.26 -15.23
N ASP D 49 18.39 7.77 -14.15
CA ASP D 49 17.70 6.48 -14.19
C ASP D 49 16.26 6.71 -14.63
N ALA D 50 15.46 5.62 -14.63
CA ALA D 50 14.07 5.73 -15.10
C ALA D 50 13.24 6.67 -14.23
N LEU D 51 13.47 6.66 -12.91
CA LEU D 51 12.84 7.66 -12.04
C LEU D 51 13.16 9.08 -12.49
N ASP D 52 14.45 9.38 -12.65
CA ASP D 52 14.88 10.72 -13.04
C ASP D 52 14.32 11.12 -14.39
N LEU D 53 14.34 10.19 -15.36
CA LEU D 53 13.83 10.48 -16.69
C LEU D 53 12.33 10.74 -16.68
N THR D 54 11.57 10.02 -15.87
CA THR D 54 10.14 10.25 -15.86
C THR D 54 9.84 11.67 -15.42
N ASP D 55 10.54 12.15 -14.39
CA ASP D 55 10.32 13.53 -13.92
C ASP D 55 10.72 14.55 -14.97
N LYS D 56 11.85 14.33 -15.63
CA LYS D 56 12.30 15.26 -16.66
C LYS D 56 11.33 15.29 -17.84
N LEU D 57 10.81 14.13 -18.25
CA LEU D 57 9.89 14.12 -19.38
C LEU D 57 8.59 14.83 -19.03
N VAL D 58 8.11 14.65 -17.79
CA VAL D 58 6.90 15.36 -17.41
C VAL D 58 7.16 16.86 -17.18
N SER D 59 8.39 17.27 -16.92
CA SER D 59 8.64 18.70 -16.74
C SER D 59 8.93 19.42 -18.05
N PHE D 60 9.60 18.79 -19.04
CA PHE D 60 9.68 19.42 -20.36
C PHE D 60 8.33 19.42 -21.06
N TYR D 61 7.81 18.23 -21.32
CA TYR D 61 6.53 18.04 -21.97
C TYR D 61 5.51 17.99 -20.85
N LEU D 62 4.28 17.61 -21.09
CA LEU D 62 3.48 17.43 -19.89
C LEU D 62 3.30 15.94 -19.65
N GLU D 63 2.44 15.62 -18.69
CA GLU D 63 2.04 14.23 -18.50
C GLU D 63 1.52 13.65 -19.82
N THR D 64 0.59 14.35 -20.46
CA THR D 64 -0.12 13.82 -21.61
C THR D 64 0.75 13.73 -22.86
N TYR D 65 1.51 14.78 -23.17
CA TYR D 65 2.41 14.76 -24.32
C TYR D 65 3.67 13.97 -24.04
N GLY D 66 4.16 13.99 -22.81
CA GLY D 66 5.31 13.19 -22.46
C GLY D 66 5.08 11.71 -22.66
N ALA D 67 3.85 11.25 -22.42
CA ALA D 67 3.55 9.84 -22.66
C ALA D 67 3.49 9.53 -24.15
N GLU D 68 2.86 10.42 -24.95
CA GLU D 68 2.79 10.20 -26.39
C GLU D 68 4.18 10.16 -27.00
N LEU D 69 5.06 11.05 -26.54
CA LEU D 69 6.41 11.07 -27.06
C LEU D 69 7.17 9.81 -26.65
N THR D 70 7.01 9.36 -25.40
CA THR D 70 7.70 8.17 -24.93
C THR D 70 7.27 6.95 -25.74
N ALA D 71 5.99 6.88 -26.10
CA ALA D 71 5.49 5.81 -26.97
C ALA D 71 6.08 5.91 -28.37
N ASN D 72 6.25 7.13 -28.90
CA ASN D 72 6.90 7.28 -30.20
C ASN D 72 8.31 6.71 -30.17
N VAL D 73 9.09 7.03 -29.12
CA VAL D 73 10.47 6.58 -29.08
C VAL D 73 10.52 5.06 -28.96
N LEU D 74 9.65 4.48 -28.14
CA LEU D 74 9.64 3.02 -27.99
C LEU D 74 9.35 2.34 -29.32
N ARG D 75 8.44 2.92 -30.12
CA ARG D 75 8.16 2.38 -31.44
C ARG D 75 9.39 2.42 -32.34
N ASP D 76 10.13 3.54 -32.32
CA ASP D 76 11.34 3.63 -33.15
C ASP D 76 12.45 2.68 -32.68
N MET D 77 12.41 2.22 -31.42
CA MET D 77 13.37 1.24 -30.90
C MET D 77 12.96 -0.20 -31.17
N GLY D 78 11.79 -0.43 -31.75
CA GLY D 78 11.32 -1.77 -32.03
C GLY D 78 10.51 -2.40 -30.94
N LEU D 79 10.46 -1.79 -29.75
CA LEU D 79 9.71 -2.33 -28.62
C LEU D 79 8.24 -1.96 -28.77
N GLN D 80 7.58 -2.66 -29.70
CA GLN D 80 6.18 -2.36 -30.02
C GLN D 80 5.25 -2.78 -28.88
N GLU D 81 5.52 -3.92 -28.26
CA GLU D 81 4.68 -4.37 -27.16
C GLU D 81 4.62 -3.35 -26.03
N MET D 82 5.77 -2.84 -25.61
CA MET D 82 5.80 -1.87 -24.53
C MET D 82 5.08 -0.58 -24.93
N ALA D 83 5.28 -0.13 -26.16
CA ALA D 83 4.61 1.09 -26.60
C ALA D 83 3.10 0.91 -26.60
N GLY D 84 2.62 -0.31 -26.86
CA GLY D 84 1.19 -0.55 -26.80
C GLY D 84 0.64 -0.45 -25.39
N GLN D 85 1.34 -1.04 -24.41
CA GLN D 85 0.88 -0.97 -23.03
C GLN D 85 0.94 0.46 -22.50
N LEU D 86 1.89 1.28 -22.98
CA LEU D 86 1.92 2.69 -22.60
C LEU D 86 0.72 3.46 -23.18
N GLN D 87 0.48 3.32 -24.49
CA GLN D 87 -0.65 4.02 -25.10
C GLN D 87 -1.96 3.54 -24.51
N ALA D 88 -2.06 2.24 -24.23
CA ALA D 88 -3.28 1.69 -23.66
C ALA D 88 -3.58 2.32 -22.30
N ALA D 89 -2.54 2.52 -21.48
CA ALA D 89 -2.77 2.98 -20.11
C ALA D 89 -3.22 4.44 -20.06
N THR D 90 -2.82 5.26 -21.02
CA THR D 90 -3.18 6.68 -20.96
C THR D 90 -4.65 6.91 -21.28
N HIS D 91 -5.27 6.04 -22.06
CA HIS D 91 -6.68 6.22 -22.45
C HIS D 91 -7.60 5.20 -21.77
C1 GOL E . 21.85 6.12 -14.45
O1 GOL E . 21.10 5.20 -15.23
C2 GOL E . 23.00 6.66 -15.38
O2 GOL E . 22.78 6.22 -16.70
C3 GOL E . 24.35 6.05 -14.84
O3 GOL E . 24.38 6.06 -13.43
C1 GOL F . -24.18 3.65 10.59
O1 GOL F . -23.35 4.68 10.98
C2 GOL F . -25.54 3.96 11.23
O2 GOL F . -26.19 4.88 10.47
C3 GOL F . -26.27 2.63 11.19
O3 GOL F . -26.46 2.41 9.84
#